data_8CLV
#
_entry.id   8CLV
#
_cell.length_a   123.380
_cell.length_b   172.090
_cell.length_c   136.130
_cell.angle_alpha   90.00
_cell.angle_beta   90.00
_cell.angle_gamma   90.00
#
_symmetry.space_group_name_H-M   'C 2 2 21'
#
loop_
_entity.id
_entity.type
_entity.pdbx_description
1 polymer 'Zearalenone lactonase'
2 non-polymer '2,4-dihydroxy-6-[(1E,10S)-10-hydroxy-6-oxoundec-1-en-1-yl]benzoic acid'
3 water water
#
_entity_poly.entity_id   1
_entity_poly.type   'polypeptide(L)'
_entity_poly.pdbx_seq_one_letter_code
;MAEEGTRSEAADAATQARQLPDSRNIFVSHRFPERQVDLGEVVMNFAEAGSPDNPALLLLPEQTGSWWSYEPVMGLLAEN
FHVFAVDIRGQGRSTWTPRRYSLDNFGNDLVRFIALVIKRPVVVAGNSSGGLLAAWLSAYAMPGQIRAALCEDAPFFASE
LVPAYGHSVLQAAGPAFELYRDFLGDQWSIGDWKGFVEAAKASPAKAMQLFPTPDEAPQNLKEYDPEWGRAFFEGTVALH
CPHDRMLSQVKTPILITHHARTIDPETGELLGALSDLQAEHAQDIIRSAGVRVDYQSHPDALHMMHLFDPARYAEILTSW
SATLPANDHHHHHH
;
_entity_poly.pdbx_strand_id   A,B,C,D
#
loop_
_chem_comp.id
_chem_comp.type
_chem_comp.name
_chem_comp.formula
ZGR non-polymer '2,4-dihydroxy-6-[(1E,10S)-10-hydroxy-6-oxoundec-1-en-1-yl]benzoic acid' 'C18 H24 O6'
#
# COMPACT_ATOMS: atom_id res chain seq x y z
N ASN A 25 16.20 23.33 23.70
CA ASN A 25 16.22 24.54 24.52
C ASN A 25 16.45 25.76 23.64
N ILE A 26 15.48 26.01 22.76
CA ILE A 26 15.52 27.11 21.80
C ILE A 26 14.35 28.06 22.00
N PHE A 27 13.76 28.04 23.20
CA PHE A 27 12.52 28.75 23.48
C PHE A 27 12.80 30.19 23.88
N VAL A 28 11.78 31.03 23.74
CA VAL A 28 11.89 32.46 23.99
C VAL A 28 10.89 32.85 25.06
N SER A 29 11.11 34.03 25.65
CA SER A 29 10.23 34.55 26.67
C SER A 29 8.86 34.89 26.07
N HIS A 30 7.87 35.06 26.94
CA HIS A 30 6.51 35.35 26.53
C HIS A 30 5.81 36.14 27.63
N ARG A 31 4.82 36.94 27.23
CA ARG A 31 4.08 37.75 28.20
C ARG A 31 3.50 36.88 29.31
N PHE A 32 2.83 35.82 28.95
CA PHE A 32 2.07 35.03 29.92
C PHE A 32 2.94 33.90 30.45
N PRO A 33 2.98 33.68 31.78
CA PRO A 33 3.79 32.59 32.31
C PRO A 33 3.33 31.24 31.80
N GLU A 34 4.28 30.32 31.66
CA GLU A 34 4.03 28.99 31.13
C GLU A 34 4.08 27.95 32.25
N ARG A 35 3.33 26.88 32.05
CA ARG A 35 3.25 25.79 33.02
C ARG A 35 3.04 24.48 32.27
N GLN A 36 3.57 23.39 32.84
CA GLN A 36 3.51 22.07 32.21
C GLN A 36 2.78 21.08 33.11
N VAL A 37 2.11 20.12 32.49
CA VAL A 37 1.34 19.11 33.19
C VAL A 37 1.53 17.76 32.50
N ASP A 38 1.75 16.72 33.29
CA ASP A 38 1.93 15.38 32.75
C ASP A 38 0.57 14.76 32.45
N LEU A 39 0.31 14.48 31.17
CA LEU A 39 -0.92 13.83 30.75
C LEU A 39 -0.77 12.31 30.71
N GLY A 40 0.41 11.79 30.99
CA GLY A 40 0.66 10.35 30.92
C GLY A 40 1.80 10.03 29.98
N GLU A 41 1.58 10.27 28.69
CA GLU A 41 2.62 10.12 27.69
C GLU A 41 3.16 11.46 27.22
N VAL A 42 2.33 12.49 27.18
CA VAL A 42 2.72 13.83 26.74
C VAL A 42 2.71 14.75 27.95
N VAL A 43 3.79 15.48 28.14
CA VAL A 43 3.88 16.54 29.14
C VAL A 43 3.56 17.84 28.41
N MET A 44 2.37 18.36 28.63
CA MET A 44 1.83 19.45 27.82
C MET A 44 2.11 20.80 28.45
N ASN A 45 2.68 21.71 27.66
CA ASN A 45 2.93 23.07 28.09
C ASN A 45 1.77 23.97 27.68
N PHE A 46 1.44 24.93 28.54
CA PHE A 46 0.30 25.79 28.30
C PHE A 46 0.45 27.09 29.08
N ALA A 47 -0.31 28.09 28.65
CA ALA A 47 -0.35 29.40 29.31
C ALA A 47 -1.79 29.71 29.69
N GLU A 48 -1.97 30.28 30.88
CA GLU A 48 -3.28 30.55 31.47
C GLU A 48 -3.43 32.04 31.73
N ALA A 49 -4.61 32.56 31.40
CA ALA A 49 -4.92 33.97 31.64
C ALA A 49 -6.41 34.11 31.91
N GLY A 50 -6.77 35.22 32.56
CA GLY A 50 -8.14 35.48 32.92
C GLY A 50 -8.52 34.89 34.27
N SER A 51 -9.80 35.05 34.60
CA SER A 51 -10.33 34.62 35.89
C SER A 51 -11.23 33.41 35.73
N PRO A 52 -11.17 32.45 36.67
CA PRO A 52 -12.11 31.32 36.61
C PRO A 52 -13.58 31.73 36.64
N ASP A 53 -13.89 32.99 36.95
CA ASP A 53 -15.27 33.43 36.98
C ASP A 53 -15.86 33.59 35.58
N ASN A 54 -15.03 33.59 34.55
CA ASN A 54 -15.51 33.67 33.17
C ASN A 54 -15.45 32.30 32.51
N PRO A 55 -16.17 32.12 31.40
CA PRO A 55 -16.23 30.80 30.77
C PRO A 55 -14.85 30.32 30.32
N ALA A 56 -14.61 29.03 30.49
CA ALA A 56 -13.34 28.44 30.09
C ALA A 56 -13.22 28.38 28.57
N LEU A 57 -12.05 28.71 28.06
CA LEU A 57 -11.77 28.76 26.63
C LEU A 57 -10.45 28.06 26.36
N LEU A 58 -10.48 27.02 25.53
CA LEU A 58 -9.29 26.27 25.15
C LEU A 58 -8.91 26.63 23.72
N LEU A 59 -7.69 27.12 23.53
CA LEU A 59 -7.22 27.58 22.23
C LEU A 59 -6.20 26.59 21.68
N LEU A 60 -6.45 26.13 20.44
CA LEU A 60 -5.59 25.14 19.79
C LEU A 60 -4.87 25.79 18.61
N PRO A 61 -3.54 25.86 18.60
CA PRO A 61 -2.86 26.52 17.49
C PRO A 61 -2.96 25.71 16.22
N GLU A 62 -2.44 26.32 15.14
CA GLU A 62 -2.32 25.65 13.86
C GLU A 62 -1.10 24.74 13.86
N GLN A 63 -0.91 24.02 12.76
CA GLN A 63 0.31 23.24 12.59
C GLN A 63 1.49 24.19 12.41
N THR A 64 2.61 23.86 13.05
CA THR A 64 3.83 24.65 13.13
C THR A 64 3.68 25.82 14.11
N GLY A 65 2.51 26.04 14.68
CA GLY A 65 2.30 27.13 15.61
C GLY A 65 2.23 26.62 17.03
N SER A 66 2.87 27.35 17.94
CA SER A 66 2.83 27.02 19.35
C SER A 66 1.69 27.80 20.01
N TRP A 67 1.60 27.73 21.34
CA TRP A 67 0.54 28.45 22.05
C TRP A 67 0.65 29.96 21.84
N TRP A 68 1.87 30.48 21.71
CA TRP A 68 2.04 31.93 21.55
C TRP A 68 1.62 32.43 20.16
N SER A 69 1.05 31.55 19.34
CA SER A 69 0.26 32.01 18.20
C SER A 69 -0.89 32.90 18.68
N TYR A 70 -1.43 32.61 19.87
CA TYR A 70 -2.53 33.37 20.44
C TYR A 70 -2.06 34.44 21.43
N GLU A 71 -0.77 34.49 21.74
CA GLU A 71 -0.27 35.48 22.70
C GLU A 71 -0.75 36.89 22.39
N PRO A 72 -0.77 37.36 21.13
CA PRO A 72 -1.22 38.74 20.88
C PRO A 72 -2.71 38.97 21.11
N VAL A 73 -3.53 37.91 21.13
CA VAL A 73 -4.98 38.06 21.31
C VAL A 73 -5.47 37.61 22.68
N MET A 74 -4.63 36.94 23.48
CA MET A 74 -5.09 36.44 24.76
C MET A 74 -5.46 37.58 25.72
N GLY A 75 -4.78 38.71 25.61
CA GLY A 75 -5.12 39.85 26.44
C GLY A 75 -6.57 40.27 26.26
N LEU A 76 -7.03 40.31 25.00
CA LEU A 76 -8.43 40.68 24.75
C LEU A 76 -9.39 39.60 25.24
N LEU A 77 -9.07 38.32 24.98
CA LEU A 77 -9.97 37.25 25.37
C LEU A 77 -9.98 37.03 26.88
N ALA A 78 -8.90 37.40 27.57
CA ALA A 78 -8.86 37.27 29.01
C ALA A 78 -9.84 38.23 29.70
N GLU A 79 -10.34 39.23 28.98
CA GLU A 79 -11.32 40.14 29.55
C GLU A 79 -12.70 39.50 29.67
N ASN A 80 -12.94 38.37 29.00
CA ASN A 80 -14.23 37.71 29.03
C ASN A 80 -14.15 36.20 29.20
N PHE A 81 -12.96 35.61 29.22
CA PHE A 81 -12.81 34.16 29.25
C PHE A 81 -11.70 33.77 30.21
N HIS A 82 -11.82 32.56 30.75
CA HIS A 82 -10.71 31.86 31.40
C HIS A 82 -9.96 31.13 30.28
N VAL A 83 -8.85 31.72 29.84
CA VAL A 83 -8.18 31.29 28.61
C VAL A 83 -7.09 30.27 28.94
N PHE A 84 -7.04 29.20 28.15
CA PHE A 84 -5.96 28.23 28.17
C PHE A 84 -5.43 28.05 26.77
N ALA A 85 -4.18 28.42 26.55
CA ALA A 85 -3.49 28.22 25.27
C ALA A 85 -2.44 27.14 25.46
N VAL A 86 -2.52 26.09 24.65
CA VAL A 86 -1.71 24.89 24.88
C VAL A 86 -0.76 24.70 23.71
N ASP A 87 0.38 24.07 23.99
CA ASP A 87 1.26 23.53 22.98
C ASP A 87 0.82 22.09 22.70
N ILE A 88 0.35 21.83 21.48
CA ILE A 88 -0.05 20.48 21.12
C ILE A 88 1.20 19.61 21.03
N ARG A 89 1.02 18.30 21.25
CA ARG A 89 2.17 17.41 21.25
C ARG A 89 2.90 17.53 19.92
N GLY A 90 4.23 17.43 19.97
CA GLY A 90 5.03 17.66 18.78
C GLY A 90 5.21 19.12 18.43
N GLN A 91 5.00 20.03 19.37
CA GLN A 91 5.08 21.45 19.10
C GLN A 91 5.41 22.19 20.38
N GLY A 92 6.22 23.23 20.28
CA GLY A 92 6.54 24.03 21.45
C GLY A 92 7.28 23.23 22.49
N ARG A 93 6.92 23.47 23.76
CA ARG A 93 7.52 22.79 24.90
C ARG A 93 6.77 21.52 25.29
N SER A 94 5.73 21.16 24.54
CA SER A 94 5.07 19.88 24.75
C SER A 94 5.91 18.76 24.15
N THR A 95 5.73 17.56 24.69
CA THR A 95 6.56 16.43 24.30
C THR A 95 6.49 16.17 22.81
N TRP A 96 7.62 15.84 22.21
CA TRP A 96 7.67 15.28 20.86
C TRP A 96 7.55 13.77 20.99
N THR A 97 6.65 13.18 20.21
CA THR A 97 6.35 11.75 20.28
C THR A 97 6.49 11.13 18.90
N PRO A 98 7.70 10.67 18.54
CA PRO A 98 7.89 10.07 17.22
C PRO A 98 6.95 8.89 17.01
N ARG A 99 6.39 8.82 15.80
CA ARG A 99 5.61 7.73 15.24
C ARG A 99 4.18 7.69 15.78
N ARG A 100 3.82 8.54 16.75
CA ARG A 100 2.49 8.49 17.36
C ARG A 100 1.66 9.72 17.05
N TYR A 101 1.96 10.43 15.96
CA TYR A 101 1.24 11.64 15.60
C TYR A 101 -0.03 11.26 14.84
N SER A 102 -1.18 11.42 15.50
CA SER A 102 -2.47 11.14 14.89
C SER A 102 -3.49 12.10 15.46
N LEU A 103 -4.60 12.28 14.73
CA LEU A 103 -5.67 13.14 15.25
C LEU A 103 -6.25 12.56 16.54
N ASP A 104 -6.36 11.23 16.62
CA ASP A 104 -6.87 10.62 17.85
C ASP A 104 -5.93 10.88 19.02
N ASN A 105 -4.62 10.75 18.81
CA ASN A 105 -3.69 10.98 19.90
C ASN A 105 -3.61 12.45 20.26
N PHE A 106 -3.70 13.34 19.27
CA PHE A 106 -3.78 14.77 19.55
C PHE A 106 -4.98 15.08 20.43
N GLY A 107 -6.15 14.54 20.06
CA GLY A 107 -7.37 14.88 20.77
C GLY A 107 -7.42 14.29 22.17
N ASN A 108 -7.02 13.02 22.31
CA ASN A 108 -7.05 12.40 23.63
C ASN A 108 -6.13 13.10 24.60
N ASP A 109 -5.02 13.66 24.10
CA ASP A 109 -4.20 14.54 24.94
C ASP A 109 -5.03 15.72 25.45
N LEU A 110 -5.76 16.38 24.55
CA LEU A 110 -6.56 17.54 24.94
C LEU A 110 -7.69 17.15 25.87
N VAL A 111 -8.26 15.96 25.69
CA VAL A 111 -9.25 15.44 26.63
C VAL A 111 -8.65 15.33 28.02
N ARG A 112 -7.43 14.78 28.10
CA ARG A 112 -6.74 14.68 29.38
C ARG A 112 -6.45 16.05 29.97
N PHE A 113 -6.04 17.00 29.12
CA PHE A 113 -5.70 18.34 29.61
C PHE A 113 -6.92 19.02 30.22
N ILE A 114 -8.07 18.91 29.57
CA ILE A 114 -9.29 19.50 30.12
C ILE A 114 -9.63 18.84 31.45
N ALA A 115 -9.50 17.51 31.52
CA ALA A 115 -9.86 16.81 32.74
C ALA A 115 -8.90 17.13 33.88
N LEU A 116 -7.61 17.24 33.58
CA LEU A 116 -6.59 17.39 34.62
C LEU A 116 -6.37 18.83 35.04
N VAL A 117 -6.46 19.78 34.10
CA VAL A 117 -6.12 21.17 34.37
C VAL A 117 -7.37 22.00 34.52
N ILE A 118 -8.20 22.04 33.47
CA ILE A 118 -9.33 22.95 33.45
C ILE A 118 -10.41 22.50 34.42
N LYS A 119 -10.78 21.22 34.35
CA LYS A 119 -11.76 20.63 35.27
C LYS A 119 -13.13 21.29 35.15
N ARG A 120 -13.43 21.87 33.99
CA ARG A 120 -14.69 22.57 33.77
C ARG A 120 -15.03 22.51 32.29
N PRO A 121 -16.31 22.58 31.92
CA PRO A 121 -16.66 22.62 30.50
C PRO A 121 -16.00 23.80 29.80
N VAL A 122 -15.62 23.59 28.54
CA VAL A 122 -14.83 24.56 27.80
C VAL A 122 -15.47 24.82 26.45
N VAL A 123 -15.21 26.02 25.93
CA VAL A 123 -15.38 26.32 24.51
C VAL A 123 -14.01 26.17 23.87
N VAL A 124 -13.96 25.43 22.75
CA VAL A 124 -12.72 25.13 22.06
C VAL A 124 -12.69 25.91 20.76
N ALA A 125 -11.59 26.62 20.52
CA ALA A 125 -11.38 27.37 19.29
C ALA A 125 -9.99 27.05 18.78
N GLY A 126 -9.92 26.36 17.64
CA GLY A 126 -8.66 25.99 17.04
C GLY A 126 -8.54 26.54 15.63
N ASN A 127 -7.30 26.75 15.20
CA ASN A 127 -6.98 27.31 13.89
C ASN A 127 -6.38 26.22 13.00
N SER A 128 -7.01 25.97 11.85
CA SER A 128 -6.47 25.05 10.86
C SER A 128 -6.50 23.62 11.38
N SER A 129 -5.33 22.96 11.46
CA SER A 129 -5.27 21.65 12.10
C SER A 129 -5.87 21.70 13.51
N GLY A 130 -5.65 22.80 14.24
CA GLY A 130 -6.28 22.95 15.54
C GLY A 130 -7.79 23.04 15.45
N GLY A 131 -8.30 23.52 14.31
CA GLY A 131 -9.74 23.50 14.10
C GLY A 131 -10.28 22.10 13.95
N LEU A 132 -9.52 21.24 13.27
CA LEU A 132 -9.91 19.83 13.17
C LEU A 132 -10.00 19.19 14.54
N LEU A 133 -9.10 19.54 15.44
CA LEU A 133 -9.10 18.95 16.77
C LEU A 133 -10.24 19.49 17.62
N ALA A 134 -10.64 20.74 17.40
CA ALA A 134 -11.83 21.27 18.07
C ALA A 134 -13.05 20.45 17.69
N ALA A 135 -13.22 20.16 16.40
CA ALA A 135 -14.32 19.30 15.95
C ALA A 135 -14.13 17.88 16.44
N TRP A 136 -12.88 17.38 16.42
CA TRP A 136 -12.59 16.08 17.00
C TRP A 136 -13.14 16.00 18.43
N LEU A 137 -12.82 17.00 19.26
CA LEU A 137 -13.31 17.01 20.64
C LEU A 137 -14.83 17.05 20.68
N SER A 138 -15.44 17.91 19.86
CA SER A 138 -16.90 18.01 19.82
C SER A 138 -17.53 16.64 19.62
N ALA A 139 -16.85 15.76 18.89
CA ALA A 139 -17.36 14.42 18.62
C ALA A 139 -16.88 13.39 19.64
N TYR A 140 -15.59 13.43 20.00
CA TYR A 140 -14.97 12.32 20.71
C TYR A 140 -14.46 12.69 22.10
N ALA A 141 -14.74 13.89 22.58
CA ALA A 141 -14.33 14.23 23.94
C ALA A 141 -15.17 13.46 24.95
N MET A 142 -14.77 13.54 26.21
CA MET A 142 -15.56 12.90 27.26
C MET A 142 -16.87 13.65 27.45
N PRO A 143 -17.92 12.96 27.88
CA PRO A 143 -19.23 13.62 27.97
C PRO A 143 -19.17 14.86 28.85
N GLY A 144 -19.69 15.97 28.32
CA GLY A 144 -19.77 17.21 29.04
C GLY A 144 -18.55 18.10 28.98
N GLN A 145 -17.47 17.64 28.36
CA GLN A 145 -16.24 18.44 28.32
C GLN A 145 -16.39 19.65 27.41
N ILE A 146 -17.17 19.53 26.34
CA ILE A 146 -17.20 20.54 25.28
C ILE A 146 -18.56 21.21 25.29
N ARG A 147 -18.55 22.54 25.36
CA ARG A 147 -19.77 23.34 25.20
C ARG A 147 -20.05 23.64 23.72
N ALA A 148 -19.02 24.01 22.97
CA ALA A 148 -19.11 24.33 21.56
C ALA A 148 -17.69 24.38 21.01
N ALA A 149 -17.59 24.43 19.67
CA ALA A 149 -16.30 24.41 19.00
C ALA A 149 -16.26 25.48 17.93
N LEU A 150 -15.16 26.23 17.89
CA LEU A 150 -14.88 27.20 16.83
C LEU A 150 -13.74 26.65 15.99
N CYS A 151 -13.99 26.48 14.70
CA CYS A 151 -13.02 25.95 13.74
C CYS A 151 -12.60 27.10 12.83
N GLU A 152 -11.41 27.64 13.10
CA GLU A 152 -10.90 28.80 12.36
C GLU A 152 -10.13 28.31 11.14
N ASP A 153 -10.77 28.41 9.97
CA ASP A 153 -10.16 28.02 8.70
C ASP A 153 -9.60 26.60 8.74
N ALA A 154 -10.43 25.68 9.21
CA ALA A 154 -9.99 24.29 9.36
C ALA A 154 -9.98 23.60 8.01
N PRO A 155 -8.92 22.85 7.68
CA PRO A 155 -8.84 22.18 6.37
C PRO A 155 -9.59 20.85 6.35
N PHE A 156 -10.90 20.92 6.58
CA PHE A 156 -11.74 19.73 6.45
C PHE A 156 -11.63 19.18 5.04
N PHE A 157 -11.40 17.88 4.93
CA PHE A 157 -11.22 17.18 3.67
C PHE A 157 -9.90 17.55 2.99
N ALA A 158 -9.63 18.84 2.80
CA ALA A 158 -8.43 19.26 2.10
C ALA A 158 -7.14 18.84 2.81
N SER A 159 -7.21 18.37 4.05
CA SER A 159 -6.06 17.85 4.77
C SER A 159 -6.04 16.32 4.82
N GLU A 160 -7.04 15.67 4.24
CA GLU A 160 -7.06 14.22 4.13
C GLU A 160 -6.34 13.76 2.86
N LEU A 161 -5.76 12.56 2.92
CA LEU A 161 -5.12 12.00 1.73
C LEU A 161 -6.17 11.55 0.72
N VAL A 162 -7.24 10.91 1.19
CA VAL A 162 -8.34 10.50 0.32
C VAL A 162 -9.62 11.09 0.90
N PRO A 163 -9.87 12.37 0.70
CA PRO A 163 -11.07 12.98 1.28
C PRO A 163 -12.34 12.43 0.65
N ALA A 164 -13.43 12.56 1.39
CA ALA A 164 -14.73 12.23 0.83
C ALA A 164 -15.14 13.22 -0.26
N TYR A 165 -14.68 14.46 -0.16
CA TYR A 165 -15.06 15.50 -1.09
C TYR A 165 -13.87 16.42 -1.38
N GLY A 166 -13.85 16.97 -2.58
CA GLY A 166 -12.92 18.04 -2.92
C GLY A 166 -11.46 17.62 -3.02
N HIS A 167 -10.59 18.62 -2.94
CA HIS A 167 -9.16 18.40 -3.08
C HIS A 167 -8.62 17.54 -1.95
N SER A 168 -7.57 16.79 -2.24
CA SER A 168 -6.82 16.07 -1.22
C SER A 168 -5.64 16.91 -0.76
N VAL A 169 -5.01 16.47 0.34
CA VAL A 169 -3.84 17.16 0.84
C VAL A 169 -2.77 17.29 -0.25
N LEU A 170 -2.74 16.35 -1.19
CA LEU A 170 -1.73 16.37 -2.25
C LEU A 170 -1.96 17.50 -3.25
N GLN A 171 -3.20 17.98 -3.36
CA GLN A 171 -3.53 19.10 -4.24
C GLN A 171 -3.73 20.41 -3.48
N ALA A 172 -3.30 20.46 -2.21
CA ALA A 172 -3.46 21.66 -1.39
C ALA A 172 -2.14 22.03 -0.71
N ALA A 173 -1.99 21.70 0.57
CA ALA A 173 -0.79 22.04 1.33
C ALA A 173 0.23 20.92 1.36
N GLY A 174 -0.12 19.71 0.91
CA GLY A 174 0.77 18.57 0.93
C GLY A 174 2.18 18.89 0.47
N PRO A 175 2.32 19.55 -0.68
CA PRO A 175 3.67 19.86 -1.19
C PRO A 175 4.56 20.54 -0.16
N ALA A 176 4.01 21.41 0.68
CA ALA A 176 4.81 22.07 1.71
C ALA A 176 5.19 21.09 2.83
N PHE A 177 4.24 20.26 3.26
CA PHE A 177 4.55 19.23 4.24
C PHE A 177 5.57 18.22 3.69
N GLU A 178 5.50 17.95 2.38
CA GLU A 178 6.50 17.07 1.77
C GLU A 178 7.89 17.64 1.88
N LEU A 179 8.03 18.96 1.68
CA LEU A 179 9.34 19.59 1.83
C LEU A 179 9.79 19.59 3.29
N TYR A 180 8.88 19.92 4.22
CA TYR A 180 9.18 19.80 5.64
C TYR A 180 9.82 18.45 5.96
N ARG A 181 9.27 17.38 5.39
CA ARG A 181 9.77 16.03 5.66
C ARG A 181 11.08 15.76 4.94
N ASP A 182 11.19 16.20 3.67
CA ASP A 182 12.37 15.85 2.88
C ASP A 182 13.60 16.61 3.38
N PHE A 183 13.43 17.87 3.79
CA PHE A 183 14.56 18.74 4.09
C PHE A 183 14.76 19.03 5.57
N LEU A 184 13.69 19.10 6.35
CA LEU A 184 13.82 19.27 7.80
C LEU A 184 13.92 17.93 8.51
N GLY A 185 13.08 16.96 8.12
CA GLY A 185 13.18 15.62 8.63
C GLY A 185 12.44 15.43 9.95
N ASP A 186 12.24 14.16 10.31
CA ASP A 186 11.58 13.84 11.56
C ASP A 186 12.40 14.32 12.74
N GLN A 187 11.78 15.12 13.61
CA GLN A 187 12.45 15.65 14.79
C GLN A 187 13.68 16.47 14.41
N TRP A 188 13.57 17.23 13.32
CA TRP A 188 14.66 18.08 12.85
C TRP A 188 15.96 17.29 12.70
N SER A 189 15.84 16.05 12.19
CA SER A 189 16.99 15.19 12.03
C SER A 189 17.84 15.52 10.82
N ILE A 190 17.24 16.15 9.80
CA ILE A 190 17.97 16.60 8.61
C ILE A 190 18.35 18.07 8.73
N GLY A 191 17.39 18.93 9.08
CA GLY A 191 17.69 20.32 9.37
C GLY A 191 18.29 21.10 8.24
N ASP A 192 18.03 20.72 7.00
CA ASP A 192 18.54 21.45 5.83
C ASP A 192 17.58 22.57 5.46
N TRP A 193 17.57 23.60 6.32
CA TRP A 193 16.65 24.70 6.10
C TRP A 193 16.95 25.42 4.79
N LYS A 194 18.23 25.61 4.48
CA LYS A 194 18.58 26.28 3.23
C LYS A 194 18.21 25.43 2.02
N GLY A 195 18.30 24.11 2.14
CA GLY A 195 17.80 23.25 1.08
C GLY A 195 16.28 23.30 0.97
N PHE A 196 15.59 23.52 2.09
CA PHE A 196 14.13 23.63 2.07
C PHE A 196 13.70 24.91 1.34
N VAL A 197 14.29 26.05 1.70
CA VAL A 197 13.93 27.31 1.06
C VAL A 197 14.21 27.24 -0.43
N GLU A 198 15.32 26.59 -0.81
CA GLU A 198 15.64 26.44 -2.22
C GLU A 198 14.60 25.59 -2.93
N ALA A 199 14.16 24.50 -2.28
CA ALA A 199 13.15 23.64 -2.90
C ALA A 199 11.78 24.30 -2.91
N ALA A 200 11.49 25.17 -1.94
CA ALA A 200 10.19 25.84 -1.89
C ALA A 200 10.03 26.82 -3.05
N LYS A 201 11.08 27.57 -3.36
CA LYS A 201 10.99 28.53 -4.46
C LYS A 201 10.87 27.82 -5.79
N ALA A 202 11.62 26.73 -5.98
CA ALA A 202 11.59 25.97 -7.22
C ALA A 202 10.37 25.08 -7.34
N SER A 203 9.56 24.95 -6.31
CA SER A 203 8.43 24.05 -6.37
C SER A 203 7.47 24.50 -7.48
N PRO A 204 6.90 23.55 -8.24
CA PRO A 204 5.83 23.92 -9.19
C PRO A 204 4.49 24.17 -8.54
N ALA A 205 4.35 23.90 -7.24
CA ALA A 205 3.11 24.14 -6.52
C ALA A 205 2.92 25.63 -6.31
N LYS A 206 1.83 26.18 -6.87
CA LYS A 206 1.51 27.58 -6.63
C LYS A 206 1.09 27.81 -5.19
N ALA A 207 0.65 26.76 -4.51
CA ALA A 207 0.30 26.86 -3.10
C ALA A 207 1.53 26.95 -2.20
N MET A 208 2.72 26.75 -2.75
CA MET A 208 3.93 26.86 -1.94
C MET A 208 4.15 28.28 -1.43
N GLN A 209 3.58 29.29 -2.11
CA GLN A 209 3.82 30.67 -1.71
C GLN A 209 3.10 31.05 -0.41
N LEU A 210 2.11 30.25 0.02
CA LEU A 210 1.41 30.50 1.27
C LEU A 210 2.24 30.13 2.51
N PHE A 211 3.41 29.48 2.33
CA PHE A 211 4.26 29.06 3.42
C PHE A 211 5.51 29.94 3.50
N PRO A 212 5.95 30.32 4.70
CA PRO A 212 7.09 31.25 4.80
C PRO A 212 8.39 30.60 4.35
N THR A 213 9.26 31.42 3.78
CA THR A 213 10.62 30.99 3.41
C THR A 213 11.60 32.10 3.78
N PRO A 214 11.82 32.32 5.09
CA PRO A 214 12.83 33.30 5.48
C PRO A 214 14.23 32.70 5.45
N ASP A 215 15.23 33.60 5.39
CA ASP A 215 16.61 33.17 5.27
C ASP A 215 17.05 32.32 6.46
N GLU A 216 16.40 32.49 7.61
CA GLU A 216 16.65 31.68 8.79
C GLU A 216 15.35 31.01 9.21
N ALA A 217 15.48 29.82 9.79
CA ALA A 217 14.31 29.09 10.26
C ALA A 217 13.55 29.95 11.28
N PRO A 218 12.26 30.18 11.09
CA PRO A 218 11.50 30.95 12.08
C PRO A 218 11.38 30.22 13.41
N GLN A 219 11.11 31.01 14.45
CA GLN A 219 11.06 30.48 15.81
C GLN A 219 9.96 29.44 15.97
N ASN A 220 8.77 29.73 15.44
CA ASN A 220 7.66 28.80 15.56
C ASN A 220 8.00 27.45 14.93
N LEU A 221 8.79 27.46 13.87
CA LEU A 221 9.15 26.21 13.19
C LEU A 221 10.25 25.47 13.92
N LYS A 222 11.17 26.18 14.55
CA LYS A 222 12.20 25.51 15.34
C LYS A 222 11.62 24.82 16.57
N GLU A 223 10.39 25.15 16.95
CA GLU A 223 9.68 24.46 18.02
C GLU A 223 8.74 23.38 17.51
N TYR A 224 8.87 23.00 16.24
CA TYR A 224 7.89 22.15 15.56
C TYR A 224 8.55 20.86 15.10
N ASP A 225 7.83 19.75 15.25
CA ASP A 225 8.33 18.45 14.82
C ASP A 225 7.87 18.17 13.39
N PRO A 226 8.76 18.18 12.39
CA PRO A 226 8.30 18.02 11.00
C PRO A 226 7.67 16.67 10.69
N GLU A 227 7.75 15.69 11.59
CA GLU A 227 6.97 14.47 11.38
C GLU A 227 5.47 14.77 11.35
N TRP A 228 5.06 15.88 11.96
CA TRP A 228 3.72 16.43 11.71
C TRP A 228 3.42 16.46 10.22
N GLY A 229 4.29 17.12 9.46
CA GLY A 229 4.07 17.24 8.03
C GLY A 229 4.09 15.90 7.31
N ARG A 230 5.08 15.05 7.64
CA ARG A 230 5.09 13.70 7.08
C ARG A 230 3.75 13.01 7.26
N ALA A 231 3.16 13.16 8.46
CA ALA A 231 1.91 12.46 8.75
C ALA A 231 0.75 13.00 7.92
N PHE A 232 0.73 14.32 7.68
CA PHE A 232 -0.32 14.90 6.87
C PHE A 232 -0.12 14.58 5.39
N PHE A 233 1.12 14.43 4.95
CA PHE A 233 1.39 14.18 3.54
C PHE A 233 1.21 12.70 3.20
N GLU A 234 1.63 11.80 4.10
CA GLU A 234 1.52 10.37 3.88
C GLU A 234 0.12 9.83 4.15
N GLY A 235 -0.79 10.67 4.64
CA GLY A 235 -2.16 10.23 4.88
C GLY A 235 -2.32 9.38 6.12
N THR A 236 -1.43 9.52 7.10
CA THR A 236 -1.45 8.70 8.31
C THR A 236 -2.01 9.43 9.52
N VAL A 237 -2.05 10.77 9.50
CA VAL A 237 -2.47 11.51 10.68
C VAL A 237 -3.96 11.32 10.94
N ALA A 238 -4.77 11.20 9.88
CA ALA A 238 -6.20 11.02 10.00
C ALA A 238 -6.67 9.74 9.31
N LEU A 239 -5.78 8.75 9.21
CA LEU A 239 -6.19 7.46 8.66
C LEU A 239 -7.32 6.85 9.46
N HIS A 240 -7.26 6.99 10.78
CA HIS A 240 -8.29 6.48 11.67
C HIS A 240 -9.32 7.54 12.03
N CYS A 241 -9.28 8.70 11.39
CA CYS A 241 -10.21 9.80 11.68
C CYS A 241 -10.68 10.39 10.36
N PRO A 242 -11.48 9.64 9.61
CA PRO A 242 -12.09 10.22 8.40
C PRO A 242 -12.96 11.41 8.76
N HIS A 243 -12.77 12.51 8.05
CA HIS A 243 -13.43 13.76 8.40
C HIS A 243 -14.94 13.68 8.21
N ASP A 244 -15.39 12.99 7.16
CA ASP A 244 -16.83 12.91 6.90
C ASP A 244 -17.54 12.19 8.05
N ARG A 245 -16.93 11.14 8.60
CA ARG A 245 -17.50 10.47 9.76
C ARG A 245 -17.37 11.32 11.01
N MET A 246 -16.19 11.91 11.21
CA MET A 246 -15.95 12.76 12.37
C MET A 246 -16.98 13.88 12.44
N LEU A 247 -17.19 14.58 11.32
CA LEU A 247 -18.14 15.69 11.32
C LEU A 247 -19.54 15.20 11.65
N SER A 248 -19.90 14.00 11.20
CA SER A 248 -21.22 13.46 11.49
C SER A 248 -21.41 13.15 12.97
N GLN A 249 -20.33 13.06 13.74
CA GLN A 249 -20.40 12.66 15.13
C GLN A 249 -20.28 13.85 16.09
N VAL A 250 -20.18 15.09 15.58
CA VAL A 250 -20.12 16.24 16.47
C VAL A 250 -21.36 16.25 17.35
N LYS A 251 -21.20 16.72 18.59
CA LYS A 251 -22.27 16.72 19.57
C LYS A 251 -22.52 18.09 20.19
N THR A 252 -21.86 19.12 19.69
CA THR A 252 -21.96 20.47 20.24
C THR A 252 -22.07 21.45 19.09
N PRO A 253 -22.64 22.63 19.34
CA PRO A 253 -22.68 23.66 18.29
C PRO A 253 -21.29 23.90 17.71
N ILE A 254 -21.25 24.18 16.42
CA ILE A 254 -20.01 24.41 15.68
C ILE A 254 -20.09 25.77 15.01
N LEU A 255 -18.96 26.49 14.99
CA LEU A 255 -18.80 27.70 14.20
C LEU A 255 -17.66 27.48 13.23
N ILE A 256 -17.95 27.58 11.93
CA ILE A 256 -16.94 27.42 10.89
C ILE A 256 -16.68 28.80 10.30
N THR A 257 -15.46 29.29 10.49
CA THR A 257 -15.01 30.53 9.85
C THR A 257 -14.15 30.13 8.64
N HIS A 258 -14.54 30.62 7.48
CA HIS A 258 -13.85 30.30 6.22
C HIS A 258 -13.15 31.57 5.76
N HIS A 259 -11.82 31.55 5.75
CA HIS A 259 -11.06 32.74 5.39
C HIS A 259 -10.69 32.70 3.92
N ALA A 260 -9.59 33.38 3.55
CA ALA A 260 -9.22 33.45 2.14
C ALA A 260 -9.05 32.06 1.54
N ARG A 261 -9.58 31.88 0.34
CA ARG A 261 -9.38 30.65 -0.42
C ARG A 261 -9.54 30.96 -1.90
N THR A 262 -8.71 30.33 -2.72
CA THR A 262 -8.80 30.48 -4.16
C THR A 262 -8.29 29.22 -4.82
N ILE A 263 -8.80 28.94 -6.02
CA ILE A 263 -8.42 27.76 -6.81
C ILE A 263 -7.55 28.24 -7.96
N ASP A 264 -6.38 27.63 -8.11
CA ASP A 264 -5.49 28.00 -9.21
C ASP A 264 -6.06 27.48 -10.53
N PRO A 265 -6.25 28.33 -11.54
CA PRO A 265 -6.87 27.85 -12.79
C PRO A 265 -5.97 26.94 -13.61
N GLU A 266 -4.64 27.01 -13.45
CA GLU A 266 -3.74 26.17 -14.23
C GLU A 266 -3.59 24.79 -13.61
N THR A 267 -3.09 24.73 -12.37
CA THR A 267 -2.84 23.46 -11.70
C THR A 267 -4.05 22.93 -10.94
N GLY A 268 -5.08 23.75 -10.75
CA GLY A 268 -6.23 23.37 -9.95
C GLY A 268 -5.99 23.35 -8.46
N GLU A 269 -4.82 23.82 -8.00
CA GLU A 269 -4.48 23.75 -6.59
C GLU A 269 -5.46 24.55 -5.73
N LEU A 270 -5.72 24.03 -4.54
CA LEU A 270 -6.45 24.77 -3.52
C LEU A 270 -5.46 25.67 -2.78
N LEU A 271 -5.71 26.97 -2.80
CA LEU A 271 -4.89 27.95 -2.10
C LEU A 271 -5.69 28.44 -0.90
N GLY A 272 -5.51 27.78 0.23
CA GLY A 272 -6.26 28.07 1.42
C GLY A 272 -6.52 26.81 2.19
N ALA A 273 -7.31 26.95 3.25
CA ALA A 273 -7.60 25.82 4.12
C ALA A 273 -8.51 24.82 3.44
N LEU A 274 -9.63 25.28 2.90
CA LEU A 274 -10.59 24.39 2.26
C LEU A 274 -11.35 25.16 1.19
N SER A 275 -11.99 24.43 0.29
CA SER A 275 -12.73 25.02 -0.80
C SER A 275 -14.17 25.33 -0.38
N ASP A 276 -14.84 26.13 -1.19
CA ASP A 276 -16.26 26.39 -0.94
C ASP A 276 -17.06 25.10 -0.96
N LEU A 277 -16.76 24.21 -1.93
CA LEU A 277 -17.48 22.94 -2.01
C LEU A 277 -17.30 22.13 -0.73
N GLN A 278 -16.08 22.09 -0.19
CA GLN A 278 -15.84 21.32 1.02
C GLN A 278 -16.57 21.93 2.22
N ALA A 279 -16.47 23.25 2.38
CA ALA A 279 -17.15 23.90 3.50
C ALA A 279 -18.65 23.65 3.45
N GLU A 280 -19.23 23.67 2.25
CA GLU A 280 -20.66 23.40 2.11
C GLU A 280 -21.01 22.00 2.61
N HIS A 281 -20.18 21.01 2.28
CA HIS A 281 -20.47 19.64 2.72
C HIS A 281 -20.30 19.50 4.22
N ALA A 282 -19.27 20.15 4.79
CA ALA A 282 -19.10 20.11 6.23
C ALA A 282 -20.32 20.68 6.94
N GLN A 283 -20.89 21.76 6.40
CA GLN A 283 -22.13 22.29 6.93
C GLN A 283 -23.27 21.28 6.82
N ASP A 284 -23.35 20.57 5.70
CA ASP A 284 -24.41 19.59 5.52
C ASP A 284 -24.27 18.44 6.51
N ILE A 285 -23.06 17.91 6.66
CA ILE A 285 -22.84 16.77 7.55
C ILE A 285 -23.21 17.14 8.98
N ILE A 286 -22.78 18.31 9.44
CA ILE A 286 -23.12 18.76 10.80
C ILE A 286 -24.62 18.96 10.92
N ARG A 287 -25.21 19.68 9.95
CA ARG A 287 -26.65 19.93 10.01
C ARG A 287 -27.44 18.64 10.11
N SER A 288 -27.04 17.62 9.35
CA SER A 288 -27.74 16.33 9.39
C SER A 288 -27.55 15.62 10.71
N ALA A 289 -26.50 15.96 11.48
CA ALA A 289 -26.31 15.42 12.81
C ALA A 289 -27.24 16.04 13.85
N GLY A 290 -28.13 16.94 13.44
CA GLY A 290 -29.01 17.59 14.38
C GLY A 290 -28.31 18.53 15.33
N VAL A 291 -27.17 19.10 14.91
CA VAL A 291 -26.37 19.97 15.75
C VAL A 291 -26.34 21.35 15.12
N ARG A 292 -26.38 22.39 15.97
CA ARG A 292 -26.30 23.75 15.48
C ARG A 292 -24.99 23.98 14.74
N VAL A 293 -25.06 24.68 13.61
CA VAL A 293 -23.88 25.03 12.82
C VAL A 293 -24.05 26.46 12.33
N ASP A 294 -22.98 27.23 12.41
CA ASP A 294 -22.92 28.58 11.85
C ASP A 294 -21.70 28.68 10.95
N TYR A 295 -21.84 29.49 9.90
CA TYR A 295 -20.81 29.58 8.87
C TYR A 295 -20.59 31.05 8.53
N GLN A 296 -19.38 31.53 8.74
CA GLN A 296 -19.01 32.92 8.46
C GLN A 296 -17.86 32.93 7.46
N SER A 297 -18.14 33.43 6.25
CA SER A 297 -17.13 33.54 5.21
C SER A 297 -16.44 34.89 5.32
N HIS A 298 -15.12 34.87 5.49
CA HIS A 298 -14.28 36.07 5.52
C HIS A 298 -13.20 35.91 4.45
N PRO A 299 -13.58 36.04 3.18
CA PRO A 299 -12.65 35.67 2.09
C PRO A 299 -11.45 36.60 1.95
N ASP A 300 -11.39 37.68 2.72
CA ASP A 300 -10.25 38.58 2.72
C ASP A 300 -9.37 38.41 3.95
N ALA A 301 -9.77 37.58 4.91
CA ALA A 301 -8.99 37.36 6.11
C ALA A 301 -7.87 36.37 5.84
N LEU A 302 -6.74 36.60 6.49
CA LEU A 302 -5.62 35.67 6.40
C LEU A 302 -5.95 34.37 7.14
N HIS A 303 -5.19 33.32 6.81
CA HIS A 303 -5.36 32.03 7.46
C HIS A 303 -5.38 32.16 8.97
N MET A 304 -4.30 32.70 9.55
CA MET A 304 -4.22 32.94 10.98
C MET A 304 -4.83 34.32 11.25
N MET A 305 -6.16 34.36 11.29
CA MET A 305 -6.83 35.62 11.60
C MET A 305 -6.62 36.01 13.05
N HIS A 306 -6.64 35.02 13.96
CA HIS A 306 -6.47 35.30 15.38
C HIS A 306 -5.14 35.98 15.68
N LEU A 307 -4.17 35.86 14.78
CA LEU A 307 -2.85 36.47 14.94
C LEU A 307 -2.74 37.83 14.25
N PHE A 308 -3.20 37.94 13.01
CA PHE A 308 -3.02 39.16 12.24
C PHE A 308 -4.15 40.16 12.37
N ASP A 309 -5.32 39.73 12.86
CA ASP A 309 -6.43 40.63 13.16
C ASP A 309 -7.07 40.21 14.48
N PRO A 310 -6.31 40.30 15.58
CA PRO A 310 -6.83 39.80 16.86
C PRO A 310 -8.16 40.41 17.26
N ALA A 311 -8.37 41.69 16.97
CA ALA A 311 -9.64 42.33 17.32
C ALA A 311 -10.80 41.68 16.58
N ARG A 312 -10.63 41.43 15.29
CA ARG A 312 -11.70 40.81 14.50
C ARG A 312 -11.98 39.39 14.99
N TYR A 313 -10.93 38.61 15.20
CA TYR A 313 -11.10 37.23 15.68
C TYR A 313 -11.77 37.21 17.05
N ALA A 314 -11.25 38.02 17.98
CA ALA A 314 -11.82 38.04 19.32
C ALA A 314 -13.30 38.41 19.29
N GLU A 315 -13.67 39.38 18.45
CA GLU A 315 -15.07 39.78 18.35
C GLU A 315 -15.94 38.62 17.84
N ILE A 316 -15.47 37.94 16.79
CA ILE A 316 -16.22 36.80 16.26
C ILE A 316 -16.44 35.77 17.35
N LEU A 317 -15.36 35.43 18.06
CA LEU A 317 -15.46 34.42 19.12
C LEU A 317 -16.40 34.89 20.23
N THR A 318 -16.19 36.13 20.71
CA THR A 318 -16.97 36.63 21.84
C THR A 318 -18.44 36.78 21.48
N SER A 319 -18.73 37.32 20.28
CA SER A 319 -20.11 37.48 19.87
C SER A 319 -20.81 36.14 19.69
N TRP A 320 -20.13 35.17 19.07
CA TRP A 320 -20.72 33.86 18.89
C TRP A 320 -20.90 33.14 20.22
N SER A 321 -19.90 33.24 21.09
CA SER A 321 -20.00 32.60 22.41
C SER A 321 -21.20 33.11 23.18
N ALA A 322 -21.59 34.37 22.97
CA ALA A 322 -22.73 34.93 23.69
C ALA A 322 -24.03 34.23 23.33
N THR A 323 -24.14 33.74 22.08
CA THR A 323 -25.36 33.08 21.63
C THR A 323 -25.43 31.62 22.05
N LEU A 324 -24.47 31.13 22.84
CA LEU A 324 -24.49 29.73 23.25
C LEU A 324 -25.40 29.55 24.46
N PRO A 325 -26.02 28.38 24.60
CA PRO A 325 -26.83 28.11 25.81
C PRO A 325 -25.96 28.09 27.06
N ALA A 326 -26.59 28.42 28.19
CA ALA A 326 -25.92 28.42 29.49
C ALA A 326 -24.68 29.33 29.48
N ASN B 25 -28.29 -7.14 18.42
CA ASN B 25 -29.26 -7.60 19.41
C ASN B 25 -29.29 -9.14 19.47
N ILE B 26 -28.10 -9.74 19.54
CA ILE B 26 -27.95 -11.18 19.53
C ILE B 26 -27.33 -11.69 20.84
N PHE B 27 -27.37 -10.86 21.88
CA PHE B 27 -26.67 -11.16 23.12
C PHE B 27 -27.46 -12.18 23.95
N VAL B 28 -26.80 -12.67 25.01
CA VAL B 28 -27.36 -13.70 25.87
C VAL B 28 -27.23 -13.25 27.32
N SER B 29 -27.82 -14.04 28.21
CA SER B 29 -27.73 -13.78 29.63
C SER B 29 -26.36 -14.23 30.17
N HIS B 30 -25.98 -13.68 31.31
CA HIS B 30 -24.72 -14.02 31.95
C HIS B 30 -24.89 -13.95 33.46
N ARG B 31 -23.88 -14.42 34.19
CA ARG B 31 -24.00 -14.63 35.63
C ARG B 31 -23.63 -13.40 36.45
N PHE B 32 -23.38 -12.27 35.81
CA PHE B 32 -23.15 -11.01 36.50
C PHE B 32 -23.97 -9.92 35.81
N PRO B 33 -24.48 -8.96 36.56
CA PRO B 33 -25.18 -7.83 35.92
C PRO B 33 -24.23 -7.05 35.01
N GLU B 34 -24.76 -6.63 33.87
CA GLU B 34 -24.02 -5.83 32.90
C GLU B 34 -24.52 -4.39 32.96
N ARG B 35 -23.59 -3.45 32.81
CA ARG B 35 -23.91 -2.02 32.84
C ARG B 35 -23.08 -1.31 31.78
N GLN B 36 -23.58 -0.17 31.31
CA GLN B 36 -22.96 0.57 30.22
C GLN B 36 -22.65 1.99 30.67
N VAL B 37 -21.49 2.50 30.24
CA VAL B 37 -21.04 3.85 30.56
C VAL B 37 -20.66 4.55 29.28
N ASP B 38 -21.05 5.82 29.15
CA ASP B 38 -20.72 6.62 27.98
C ASP B 38 -19.33 7.22 28.17
N LEU B 39 -18.38 6.80 27.36
CA LEU B 39 -17.02 7.34 27.41
C LEU B 39 -16.84 8.54 26.49
N GLY B 40 -17.88 8.93 25.75
CA GLY B 40 -17.79 10.04 24.82
C GLY B 40 -18.14 9.60 23.40
N GLU B 41 -17.34 8.69 22.86
CA GLU B 41 -17.61 8.09 21.57
C GLU B 41 -18.18 6.68 21.72
N VAL B 42 -17.53 5.85 22.51
CA VAL B 42 -17.96 4.47 22.73
C VAL B 42 -18.76 4.40 24.02
N VAL B 43 -19.78 3.56 24.03
CA VAL B 43 -20.55 3.25 25.23
C VAL B 43 -20.13 1.85 25.67
N MET B 44 -19.28 1.79 26.68
CA MET B 44 -18.60 0.57 27.08
C MET B 44 -19.46 -0.25 28.04
N ASN B 45 -19.68 -1.51 27.69
CA ASN B 45 -20.40 -2.46 28.53
C ASN B 45 -19.40 -3.21 29.40
N PHE B 46 -19.80 -3.51 30.63
CA PHE B 46 -18.89 -4.16 31.57
C PHE B 46 -19.69 -4.87 32.64
N ALA B 47 -18.98 -5.71 33.40
CA ALA B 47 -19.54 -6.42 34.55
C ALA B 47 -18.69 -6.13 35.77
N GLU B 48 -19.33 -6.16 36.94
CA GLU B 48 -18.69 -5.79 38.19
C GLU B 48 -18.86 -6.92 39.21
N ALA B 49 -17.82 -7.16 39.99
CA ALA B 49 -17.87 -8.13 41.07
C ALA B 49 -16.83 -7.76 42.11
N GLY B 50 -16.96 -8.35 43.30
CA GLY B 50 -16.01 -8.11 44.37
C GLY B 50 -16.40 -6.95 45.26
N SER B 51 -15.55 -6.71 46.26
CA SER B 51 -15.83 -5.67 47.24
C SER B 51 -14.94 -4.47 46.97
N PRO B 52 -15.49 -3.25 46.95
CA PRO B 52 -14.64 -2.08 46.69
C PRO B 52 -13.56 -1.82 47.73
N ASP B 53 -13.51 -2.63 48.80
CA ASP B 53 -12.40 -2.57 49.75
C ASP B 53 -11.22 -3.42 49.32
N ASN B 54 -11.39 -4.28 48.33
CA ASN B 54 -10.30 -5.04 47.76
C ASN B 54 -9.70 -4.28 46.57
N PRO B 55 -8.48 -4.64 46.15
CA PRO B 55 -7.84 -3.91 45.05
C PRO B 55 -8.62 -4.01 43.75
N ALA B 56 -8.70 -2.89 43.04
CA ALA B 56 -9.38 -2.86 41.74
C ALA B 56 -8.61 -3.68 40.72
N LEU B 57 -9.35 -4.38 39.86
CA LEU B 57 -8.76 -5.26 38.86
C LEU B 57 -9.53 -5.10 37.55
N LEU B 58 -8.84 -4.64 36.51
CA LEU B 58 -9.44 -4.45 35.20
C LEU B 58 -9.04 -5.63 34.31
N LEU B 59 -10.04 -6.28 33.72
CA LEU B 59 -9.83 -7.44 32.86
C LEU B 59 -10.14 -7.05 31.42
N LEU B 60 -9.19 -7.35 30.52
CA LEU B 60 -9.32 -7.02 29.11
C LEU B 60 -9.34 -8.30 28.29
N PRO B 61 -10.41 -8.58 27.56
CA PRO B 61 -10.47 -9.84 26.80
C PRO B 61 -9.58 -9.81 25.57
N GLU B 62 -9.47 -10.98 24.95
CA GLU B 62 -8.71 -11.12 23.73
C GLU B 62 -9.57 -10.67 22.54
N GLN B 63 -8.97 -10.72 21.34
CA GLN B 63 -9.73 -10.40 20.13
C GLN B 63 -10.77 -11.48 19.87
N THR B 64 -11.99 -11.07 19.58
CA THR B 64 -13.19 -11.88 19.41
C THR B 64 -13.80 -12.25 20.75
N GLY B 65 -13.15 -11.92 21.87
CA GLY B 65 -13.65 -12.26 23.18
C GLY B 65 -14.40 -11.08 23.80
N SER B 66 -15.55 -11.37 24.36
CA SER B 66 -16.31 -10.38 25.08
C SER B 66 -15.89 -10.36 26.54
N TRP B 67 -16.52 -9.49 27.33
CA TRP B 67 -16.21 -9.44 28.76
C TRP B 67 -16.39 -10.79 29.41
N TRP B 68 -17.39 -11.57 28.96
CA TRP B 68 -17.69 -12.85 29.60
C TRP B 68 -16.67 -13.93 29.26
N SER B 69 -15.59 -13.58 28.55
CA SER B 69 -14.46 -14.49 28.49
C SER B 69 -13.90 -14.74 29.88
N TYR B 70 -13.99 -13.76 30.76
CA TYR B 70 -13.53 -13.86 32.13
C TYR B 70 -14.65 -14.29 33.09
N GLU B 71 -15.83 -14.64 32.57
CA GLU B 71 -16.94 -14.94 33.46
C GLU B 71 -16.67 -16.14 34.37
N PRO B 72 -16.09 -17.25 33.90
CA PRO B 72 -15.79 -18.33 34.84
C PRO B 72 -14.77 -17.97 35.90
N VAL B 73 -13.78 -17.14 35.56
CA VAL B 73 -12.72 -16.80 36.51
C VAL B 73 -13.07 -15.61 37.40
N MET B 74 -14.11 -14.85 37.07
CA MET B 74 -14.45 -13.68 37.87
C MET B 74 -14.90 -14.08 39.27
N GLY B 75 -15.61 -15.20 39.39
CA GLY B 75 -15.99 -15.68 40.70
C GLY B 75 -14.78 -15.92 41.60
N LEU B 76 -13.69 -16.41 41.02
CA LEU B 76 -12.49 -16.67 41.80
C LEU B 76 -11.79 -15.36 42.16
N LEU B 77 -11.63 -14.46 41.18
CA LEU B 77 -10.92 -13.21 41.45
C LEU B 77 -11.74 -12.29 42.35
N ALA B 78 -13.07 -12.35 42.27
CA ALA B 78 -13.90 -11.49 43.11
C ALA B 78 -13.68 -11.76 44.60
N GLU B 79 -13.13 -12.92 44.95
CA GLU B 79 -12.84 -13.22 46.34
C GLU B 79 -11.79 -12.26 46.92
N ASN B 80 -10.89 -11.76 46.07
CA ASN B 80 -9.78 -10.92 46.53
C ASN B 80 -9.65 -9.59 45.80
N PHE B 81 -10.49 -9.30 44.81
CA PHE B 81 -10.36 -8.09 44.02
C PHE B 81 -11.74 -7.47 43.81
N HIS B 82 -11.73 -6.19 43.44
CA HIS B 82 -12.91 -5.51 42.92
C HIS B 82 -12.72 -5.49 41.40
N VAL B 83 -13.32 -6.46 40.72
CA VAL B 83 -13.00 -6.76 39.32
C VAL B 83 -13.95 -6.03 38.38
N PHE B 84 -13.38 -5.50 37.30
CA PHE B 84 -14.14 -4.90 36.21
C PHE B 84 -13.73 -5.61 34.92
N ALA B 85 -14.67 -6.34 34.32
CA ALA B 85 -14.48 -6.98 33.03
C ALA B 85 -15.30 -6.22 32.00
N VAL B 86 -14.65 -5.76 30.93
CA VAL B 86 -15.26 -4.82 29.99
C VAL B 86 -15.30 -5.43 28.60
N ASP B 87 -16.29 -5.02 27.82
CA ASP B 87 -16.33 -5.27 26.39
C ASP B 87 -15.51 -4.18 25.71
N ILE B 88 -14.41 -4.56 25.09
CA ILE B 88 -13.62 -3.57 24.38
C ILE B 88 -14.40 -3.06 23.17
N ARG B 89 -14.00 -1.88 22.70
CA ARG B 89 -14.64 -1.27 21.54
C ARG B 89 -14.69 -2.27 20.39
N GLY B 90 -15.77 -2.20 19.62
CA GLY B 90 -15.95 -3.13 18.51
C GLY B 90 -16.21 -4.56 18.92
N GLN B 91 -16.70 -4.77 20.14
CA GLN B 91 -16.89 -6.11 20.67
C GLN B 91 -17.99 -6.08 21.71
N GLY B 92 -18.74 -7.19 21.79
CA GLY B 92 -19.76 -7.33 22.82
C GLY B 92 -20.85 -6.29 22.66
N ARG B 93 -21.36 -5.83 23.81
CA ARG B 93 -22.35 -4.76 23.79
C ARG B 93 -21.72 -3.38 23.64
N SER B 94 -20.39 -3.30 23.51
CA SER B 94 -19.75 -2.01 23.34
C SER B 94 -19.89 -1.52 21.91
N THR B 95 -19.68 -0.21 21.74
CA THR B 95 -19.98 0.44 20.47
C THR B 95 -19.04 -0.01 19.37
N TRP B 96 -19.62 -0.38 18.22
CA TRP B 96 -18.85 -0.63 17.01
C TRP B 96 -18.48 0.70 16.34
N THR B 97 -17.19 0.90 16.10
CA THR B 97 -16.68 2.17 15.59
C THR B 97 -15.96 1.93 14.28
N PRO B 98 -16.66 1.96 13.15
CA PRO B 98 -16.00 1.76 11.86
C PRO B 98 -14.93 2.80 11.60
N ARG B 99 -13.80 2.37 11.03
CA ARG B 99 -12.70 3.18 10.55
C ARG B 99 -11.83 3.72 11.69
N ARG B 100 -12.12 3.36 12.94
CA ARG B 100 -11.43 3.96 14.08
C ARG B 100 -10.87 2.90 15.02
N TYR B 101 -10.46 1.75 14.47
CA TYR B 101 -9.94 0.66 15.28
C TYR B 101 -8.42 0.78 15.32
N SER B 102 -7.90 1.23 16.46
CA SER B 102 -6.46 1.37 16.66
C SER B 102 -6.16 1.15 18.14
N LEU B 103 -4.94 0.67 18.41
CA LEU B 103 -4.55 0.45 19.80
C LEU B 103 -4.68 1.74 20.62
N ASP B 104 -4.42 2.89 20.00
CA ASP B 104 -4.55 4.15 20.73
C ASP B 104 -6.01 4.41 21.12
N ASN B 105 -6.95 4.17 20.21
CA ASN B 105 -8.36 4.36 20.53
C ASN B 105 -8.85 3.31 21.52
N PHE B 106 -8.40 2.06 21.36
CA PHE B 106 -8.74 1.02 22.33
C PHE B 106 -8.28 1.41 23.73
N GLY B 107 -7.04 1.87 23.85
CA GLY B 107 -6.49 2.17 25.16
C GLY B 107 -7.13 3.39 25.79
N ASN B 108 -7.33 4.46 25.01
CA ASN B 108 -7.90 5.68 25.57
C ASN B 108 -9.33 5.45 26.05
N ASP B 109 -10.08 4.59 25.37
CA ASP B 109 -11.36 4.16 25.92
C ASP B 109 -11.19 3.64 27.33
N LEU B 110 -10.20 2.77 27.53
CA LEU B 110 -9.95 2.19 28.84
C LEU B 110 -9.45 3.24 29.82
N VAL B 111 -8.72 4.25 29.35
CA VAL B 111 -8.34 5.36 30.22
C VAL B 111 -9.58 6.09 30.73
N ARG B 112 -10.54 6.35 29.82
CA ARG B 112 -11.76 7.03 30.22
C ARG B 112 -12.61 6.15 31.12
N PHE B 113 -12.61 4.85 30.88
CA PHE B 113 -13.36 3.92 31.71
C PHE B 113 -12.84 3.93 33.14
N ILE B 114 -11.52 3.81 33.29
CA ILE B 114 -10.94 3.86 34.63
C ILE B 114 -11.32 5.16 35.33
N ALA B 115 -11.29 6.27 34.60
CA ALA B 115 -11.49 7.58 35.22
C ALA B 115 -12.95 7.84 35.55
N LEU B 116 -13.88 7.31 34.76
CA LEU B 116 -15.30 7.58 34.94
C LEU B 116 -16.02 6.54 35.78
N VAL B 117 -15.54 5.30 35.82
CA VAL B 117 -16.22 4.20 36.49
C VAL B 117 -15.43 3.72 37.71
N ILE B 118 -14.17 3.36 37.51
CA ILE B 118 -13.38 2.77 38.60
C ILE B 118 -12.94 3.84 39.59
N LYS B 119 -12.31 4.91 39.10
CA LYS B 119 -11.89 6.04 39.92
C LYS B 119 -10.87 5.64 40.98
N ARG B 120 -10.07 4.60 40.68
CA ARG B 120 -8.97 4.19 41.54
C ARG B 120 -7.86 3.66 40.65
N PRO B 121 -6.64 3.50 41.20
CA PRO B 121 -5.61 2.76 40.46
C PRO B 121 -6.03 1.30 40.34
N VAL B 122 -5.60 0.67 39.25
CA VAL B 122 -6.03 -0.68 38.93
C VAL B 122 -4.82 -1.53 38.58
N VAL B 123 -4.96 -2.83 38.81
CA VAL B 123 -4.11 -3.83 38.19
C VAL B 123 -4.86 -4.30 36.93
N VAL B 124 -4.19 -4.22 35.78
CA VAL B 124 -4.82 -4.52 34.50
C VAL B 124 -4.27 -5.84 33.98
N ALA B 125 -5.18 -6.76 33.65
CA ALA B 125 -4.81 -8.07 33.13
C ALA B 125 -5.53 -8.27 31.80
N GLY B 126 -4.78 -8.47 30.74
CA GLY B 126 -5.35 -8.64 29.41
C GLY B 126 -4.77 -9.81 28.64
N ASN B 127 -5.66 -10.53 27.95
CA ASN B 127 -5.25 -11.74 27.22
C ASN B 127 -5.02 -11.38 25.75
N SER B 128 -3.82 -11.68 25.26
CA SER B 128 -3.47 -11.45 23.86
C SER B 128 -3.65 -9.99 23.46
N SER B 129 -4.62 -9.72 22.59
CA SER B 129 -4.91 -8.33 22.21
C SER B 129 -5.12 -7.47 23.46
N GLY B 130 -5.78 -8.03 24.48
CA GLY B 130 -5.93 -7.30 25.73
C GLY B 130 -4.61 -7.14 26.46
N GLY B 131 -3.69 -8.08 26.29
CA GLY B 131 -2.36 -7.92 26.86
C GLY B 131 -1.60 -6.76 26.25
N LEU B 132 -1.64 -6.64 24.92
CA LEU B 132 -1.07 -5.47 24.26
C LEU B 132 -1.62 -4.19 24.85
N LEU B 133 -2.92 -4.18 25.17
CA LEU B 133 -3.56 -2.99 25.73
C LEU B 133 -3.21 -2.80 27.19
N ALA B 134 -3.04 -3.89 27.94
CA ALA B 134 -2.52 -3.75 29.30
C ALA B 134 -1.15 -3.08 29.27
N ALA B 135 -0.29 -3.49 28.35
CA ALA B 135 1.01 -2.85 28.19
C ALA B 135 0.83 -1.42 27.65
N TRP B 136 -0.13 -1.22 26.76
CA TRP B 136 -0.40 0.13 26.26
C TRP B 136 -0.70 1.07 27.41
N LEU B 137 -1.57 0.65 28.33
CA LEU B 137 -1.94 1.51 29.46
C LEU B 137 -0.74 1.77 30.37
N SER B 138 0.00 0.72 30.72
CA SER B 138 1.18 0.88 31.56
C SER B 138 2.14 1.92 31.00
N ALA B 139 2.09 2.20 29.70
CA ALA B 139 2.97 3.18 29.07
C ALA B 139 2.29 4.50 28.76
N TYR B 140 0.98 4.49 28.47
CA TYR B 140 0.30 5.66 27.93
C TYR B 140 -0.97 6.03 28.67
N ALA B 141 -1.26 5.40 29.81
CA ALA B 141 -2.41 5.76 30.61
C ALA B 141 -2.15 7.07 31.36
N MET B 142 -3.20 7.63 31.95
CA MET B 142 -3.03 8.86 32.71
C MET B 142 -2.24 8.57 33.99
N PRO B 143 -1.49 9.54 34.49
CA PRO B 143 -0.57 9.26 35.60
C PRO B 143 -1.31 8.69 36.81
N GLY B 144 -0.77 7.61 37.36
CA GLY B 144 -1.31 6.98 38.54
C GLY B 144 -2.44 6.01 38.29
N GLN B 145 -2.85 5.81 37.03
CA GLN B 145 -3.99 4.95 36.74
C GLN B 145 -3.63 3.46 36.85
N ILE B 146 -2.39 3.10 36.53
CA ILE B 146 -1.98 1.70 36.42
C ILE B 146 -0.95 1.42 37.51
N ARG B 147 -1.27 0.48 38.39
CA ARG B 147 -0.30 0.02 39.39
C ARG B 147 0.66 -1.01 38.79
N ALA B 148 0.12 -1.92 37.98
CA ALA B 148 0.90 -2.96 37.31
C ALA B 148 0.04 -3.53 36.20
N ALA B 149 0.69 -4.26 35.29
CA ALA B 149 0.01 -4.82 34.12
C ALA B 149 0.35 -6.31 33.99
N LEU B 150 -0.68 -7.12 33.81
CA LEU B 150 -0.51 -8.54 33.49
C LEU B 150 -0.80 -8.74 32.01
N CYS B 151 0.16 -9.28 31.28
CA CYS B 151 0.06 -9.55 29.85
C CYS B 151 -0.02 -11.07 29.68
N GLU B 152 -1.23 -11.58 29.47
CA GLU B 152 -1.46 -13.01 29.33
C GLU B 152 -1.34 -13.37 27.86
N ASP B 153 -0.19 -13.94 27.47
CA ASP B 153 0.00 -14.47 26.12
C ASP B 153 -0.25 -13.38 25.07
N ALA B 154 0.38 -12.22 25.27
CA ALA B 154 0.26 -11.11 24.33
C ALA B 154 1.08 -11.37 23.08
N PRO B 155 0.56 -11.04 21.89
CA PRO B 155 1.31 -11.23 20.65
C PRO B 155 2.23 -10.05 20.34
N PHE B 156 3.15 -9.76 21.26
CA PHE B 156 4.14 -8.72 21.02
C PHE B 156 4.92 -9.05 19.76
N PHE B 157 4.95 -8.09 18.83
CA PHE B 157 5.61 -8.23 17.53
C PHE B 157 4.82 -9.15 16.61
N ALA B 158 4.48 -10.35 17.07
CA ALA B 158 3.78 -11.31 16.22
C ALA B 158 2.43 -10.80 15.71
N SER B 159 1.92 -9.70 16.26
CA SER B 159 0.68 -9.10 15.78
C SER B 159 0.93 -7.86 14.92
N GLU B 160 2.18 -7.46 14.76
CA GLU B 160 2.53 -6.32 13.93
C GLU B 160 2.72 -6.74 12.48
N LEU B 161 2.59 -5.78 11.58
CA LEU B 161 2.84 -6.04 10.16
C LEU B 161 4.32 -6.15 9.87
N VAL B 162 5.12 -5.25 10.45
CA VAL B 162 6.57 -5.27 10.27
C VAL B 162 7.23 -5.20 11.64
N PRO B 163 7.27 -6.31 12.38
CA PRO B 163 7.83 -6.27 13.73
C PRO B 163 9.33 -6.05 13.72
N ALA B 164 9.84 -5.52 14.83
CA ALA B 164 11.28 -5.34 14.98
C ALA B 164 12.00 -6.67 15.14
N TYR B 165 11.31 -7.71 15.60
CA TYR B 165 11.92 -9.02 15.77
C TYR B 165 10.88 -10.10 15.47
N GLY B 166 11.33 -11.21 14.88
CA GLY B 166 10.53 -12.40 14.77
C GLY B 166 9.40 -12.32 13.75
N HIS B 167 8.51 -13.30 13.83
CA HIS B 167 7.44 -13.44 12.86
C HIS B 167 6.55 -12.20 12.83
N SER B 168 6.00 -11.94 11.64
CA SER B 168 4.99 -10.91 11.48
C SER B 168 3.59 -11.53 11.60
N VAL B 169 2.58 -10.65 11.62
CA VAL B 169 1.21 -11.12 11.68
C VAL B 169 0.89 -12.01 10.50
N LEU B 170 1.48 -11.72 9.34
CA LEU B 170 1.24 -12.54 8.15
C LEU B 170 1.79 -13.95 8.28
N GLN B 171 2.74 -14.17 9.19
CA GLN B 171 3.38 -15.46 9.38
C GLN B 171 2.86 -16.21 10.61
N ALA B 172 1.81 -15.71 11.26
CA ALA B 172 1.29 -16.30 12.48
C ALA B 172 -0.23 -16.38 12.48
N ALA B 173 -0.89 -15.37 13.03
CA ALA B 173 -2.35 -15.36 13.13
C ALA B 173 -3.03 -14.70 11.93
N GLY B 174 -2.26 -14.15 10.99
CA GLY B 174 -2.81 -13.42 9.86
C GLY B 174 -3.93 -14.15 9.15
N PRO B 175 -3.67 -15.39 8.70
CA PRO B 175 -4.66 -16.07 7.84
C PRO B 175 -6.07 -16.09 8.40
N ALA B 176 -6.22 -16.28 9.71
CA ALA B 176 -7.55 -16.29 10.30
C ALA B 176 -8.18 -14.90 10.26
N PHE B 177 -7.39 -13.86 10.53
CA PHE B 177 -7.91 -12.50 10.46
C PHE B 177 -8.25 -12.12 9.03
N GLU B 178 -7.48 -12.64 8.06
CA GLU B 178 -7.80 -12.39 6.67
C GLU B 178 -9.14 -13.00 6.29
N LEU B 179 -9.45 -14.19 6.81
CA LEU B 179 -10.72 -14.82 6.50
C LEU B 179 -11.89 -14.06 7.15
N TYR B 180 -11.72 -13.61 8.40
CA TYR B 180 -12.75 -12.77 9.00
C TYR B 180 -13.10 -11.60 8.08
N ARG B 181 -12.08 -10.95 7.52
CA ARG B 181 -12.33 -9.83 6.61
C ARG B 181 -13.03 -10.31 5.34
N ASP B 182 -12.50 -11.34 4.69
CA ASP B 182 -12.97 -11.71 3.37
C ASP B 182 -14.35 -12.37 3.39
N PHE B 183 -14.75 -12.98 4.50
CA PHE B 183 -16.00 -13.71 4.55
C PHE B 183 -17.02 -13.13 5.52
N LEU B 184 -16.59 -12.61 6.66
CA LEU B 184 -17.51 -11.96 7.58
C LEU B 184 -17.66 -10.48 7.27
N GLY B 185 -16.57 -9.80 6.99
CA GLY B 185 -16.61 -8.42 6.52
C GLY B 185 -16.80 -7.41 7.64
N ASP B 186 -16.40 -6.17 7.35
CA ASP B 186 -16.54 -5.09 8.32
C ASP B 186 -17.97 -5.00 8.84
N GLN B 187 -18.11 -5.04 10.16
CA GLN B 187 -19.41 -4.94 10.81
C GLN B 187 -20.36 -6.03 10.30
N TRP B 188 -19.81 -7.20 9.97
CA TRP B 188 -20.59 -8.34 9.49
C TRP B 188 -21.39 -7.97 8.24
N SER B 189 -20.78 -7.18 7.35
CA SER B 189 -21.46 -6.74 6.14
C SER B 189 -21.55 -7.83 5.09
N ILE B 190 -20.77 -8.90 5.21
CA ILE B 190 -20.81 -10.03 4.30
C ILE B 190 -21.51 -11.23 4.94
N GLY B 191 -21.08 -11.60 6.15
CA GLY B 191 -21.78 -12.59 6.95
C GLY B 191 -21.73 -14.00 6.42
N ASP B 192 -20.85 -14.30 5.47
CA ASP B 192 -20.76 -15.65 4.90
C ASP B 192 -20.02 -16.55 5.89
N TRP B 193 -20.72 -16.95 6.94
CA TRP B 193 -20.10 -17.82 7.92
C TRP B 193 -19.78 -19.19 7.33
N LYS B 194 -20.69 -19.72 6.51
CA LYS B 194 -20.44 -21.00 5.85
C LYS B 194 -19.19 -20.92 4.98
N GLY B 195 -19.08 -19.87 4.18
CA GLY B 195 -17.90 -19.71 3.34
C GLY B 195 -16.63 -19.62 4.15
N PHE B 196 -16.70 -18.97 5.31
CA PHE B 196 -15.52 -18.86 6.16
C PHE B 196 -15.10 -20.22 6.69
N VAL B 197 -16.06 -21.02 7.16
CA VAL B 197 -15.71 -22.31 7.74
C VAL B 197 -15.07 -23.21 6.70
N GLU B 198 -15.56 -23.16 5.46
CA GLU B 198 -14.99 -24.00 4.41
C GLU B 198 -13.61 -23.50 3.98
N ALA B 199 -13.44 -22.18 3.88
CA ALA B 199 -12.13 -21.63 3.55
C ALA B 199 -11.13 -21.90 4.67
N ALA B 200 -11.57 -21.84 5.93
CA ALA B 200 -10.69 -22.11 7.05
C ALA B 200 -10.19 -23.55 7.01
N LYS B 201 -11.12 -24.51 6.94
CA LYS B 201 -10.72 -25.92 6.92
C LYS B 201 -9.79 -26.23 5.75
N ALA B 202 -10.03 -25.60 4.60
CA ALA B 202 -9.24 -25.85 3.41
C ALA B 202 -7.97 -25.00 3.34
N SER B 203 -7.75 -24.10 4.29
CA SER B 203 -6.59 -23.22 4.22
C SER B 203 -5.30 -24.02 4.41
N PRO B 204 -4.22 -23.68 3.70
CA PRO B 204 -2.94 -24.36 3.92
C PRO B 204 -2.18 -23.87 5.14
N ALA B 205 -2.69 -22.86 5.84
CA ALA B 205 -2.03 -22.32 7.03
C ALA B 205 -2.26 -23.25 8.21
N LYS B 206 -1.18 -23.76 8.79
CA LYS B 206 -1.31 -24.68 9.91
C LYS B 206 -1.84 -23.99 11.14
N ALA B 207 -1.59 -22.68 11.27
CA ALA B 207 -2.15 -21.93 12.39
C ALA B 207 -3.66 -21.81 12.30
N MET B 208 -4.24 -22.00 11.12
CA MET B 208 -5.68 -21.86 10.97
C MET B 208 -6.44 -22.84 11.85
N GLN B 209 -5.83 -23.98 12.20
CA GLN B 209 -6.49 -24.98 13.04
C GLN B 209 -6.59 -24.54 14.50
N LEU B 210 -5.93 -23.44 14.89
CA LEU B 210 -6.05 -22.92 16.24
C LEU B 210 -7.33 -22.12 16.45
N PHE B 211 -7.98 -21.69 15.35
CA PHE B 211 -9.22 -20.92 15.44
C PHE B 211 -10.43 -21.83 15.23
N PRO B 212 -11.48 -21.70 16.05
CA PRO B 212 -12.60 -22.65 15.94
C PRO B 212 -13.41 -22.42 14.67
N THR B 213 -13.97 -23.52 14.14
CA THR B 213 -14.78 -23.48 12.92
C THR B 213 -16.02 -24.35 13.12
N PRO B 214 -16.90 -23.97 14.04
CA PRO B 214 -18.16 -24.71 14.20
C PRO B 214 -19.08 -24.48 13.01
N ASP B 215 -20.09 -25.36 12.90
CA ASP B 215 -21.05 -25.23 11.83
C ASP B 215 -21.86 -23.94 11.94
N GLU B 216 -22.08 -23.46 13.15
CA GLU B 216 -22.82 -22.23 13.39
C GLU B 216 -21.93 -21.22 14.12
N ALA B 217 -22.05 -19.96 13.72
CA ALA B 217 -21.18 -18.93 14.26
C ALA B 217 -21.29 -18.89 15.78
N PRO B 218 -20.17 -18.95 16.51
CA PRO B 218 -20.27 -18.92 17.97
C PRO B 218 -20.68 -17.55 18.49
N GLN B 219 -21.23 -17.55 19.71
CA GLN B 219 -21.78 -16.32 20.28
C GLN B 219 -20.75 -15.20 20.30
N ASN B 220 -19.51 -15.51 20.70
CA ASN B 220 -18.50 -14.47 20.82
C ASN B 220 -18.19 -13.84 19.47
N LEU B 221 -18.19 -14.64 18.40
CA LEU B 221 -17.95 -14.10 17.06
C LEU B 221 -19.11 -13.22 16.60
N LYS B 222 -20.34 -13.58 16.96
CA LYS B 222 -21.50 -12.77 16.57
C LYS B 222 -21.52 -11.42 17.27
N GLU B 223 -20.85 -11.30 18.42
CA GLU B 223 -20.68 -10.02 19.10
C GLU B 223 -19.43 -9.28 18.66
N TYR B 224 -18.73 -9.78 17.63
CA TYR B 224 -17.40 -9.32 17.25
C TYR B 224 -17.49 -8.59 15.91
N ASP B 225 -16.76 -7.47 15.81
CA ASP B 225 -16.69 -6.71 14.58
C ASP B 225 -15.50 -7.21 13.77
N PRO B 226 -15.71 -7.85 12.62
CA PRO B 226 -14.56 -8.39 11.87
C PRO B 226 -13.57 -7.34 11.41
N GLU B 227 -13.93 -6.04 11.41
CA GLU B 227 -12.95 -5.02 11.07
C GLU B 227 -11.78 -5.01 12.05
N TRP B 228 -11.94 -5.63 13.23
CA TRP B 228 -10.78 -5.94 14.06
C TRP B 228 -9.74 -6.71 13.26
N GLY B 229 -10.15 -7.82 12.64
CA GLY B 229 -9.22 -8.63 11.88
C GLY B 229 -8.61 -7.88 10.71
N ARG B 230 -9.43 -7.12 9.99
CA ARG B 230 -8.89 -6.30 8.90
C ARG B 230 -7.78 -5.39 9.41
N ALA B 231 -7.98 -4.80 10.59
CA ALA B 231 -6.99 -3.85 11.10
C ALA B 231 -5.70 -4.54 11.50
N PHE B 232 -5.81 -5.74 12.06
CA PHE B 232 -4.61 -6.49 12.42
C PHE B 232 -3.93 -7.06 11.19
N PHE B 233 -4.71 -7.51 10.20
CA PHE B 233 -4.16 -8.15 9.02
C PHE B 233 -3.50 -7.14 8.08
N GLU B 234 -4.09 -5.95 7.95
CA GLU B 234 -3.57 -4.92 7.07
C GLU B 234 -2.52 -4.04 7.74
N GLY B 235 -2.22 -4.28 9.01
CA GLY B 235 -1.19 -3.52 9.69
C GLY B 235 -1.58 -2.13 10.12
N THR B 236 -2.89 -1.83 10.20
CA THR B 236 -3.34 -0.49 10.53
C THR B 236 -3.66 -0.31 12.02
N VAL B 237 -3.95 -1.39 12.75
CA VAL B 237 -4.38 -1.26 14.14
C VAL B 237 -3.26 -0.69 14.99
N ALA B 238 -2.02 -1.11 14.76
CA ALA B 238 -0.89 -0.68 15.57
C ALA B 238 0.12 0.11 14.75
N LEU B 239 -0.33 0.75 13.67
CA LEU B 239 0.57 1.58 12.86
C LEU B 239 1.21 2.65 13.73
N HIS B 240 0.43 3.29 14.59
CA HIS B 240 0.93 4.35 15.44
C HIS B 240 1.43 3.85 16.78
N CYS B 241 1.50 2.53 16.98
CA CYS B 241 1.94 1.94 18.23
C CYS B 241 2.95 0.83 17.97
N PRO B 242 4.14 1.18 17.47
CA PRO B 242 5.19 0.16 17.33
C PRO B 242 5.54 -0.44 18.68
N HIS B 243 5.61 -1.78 18.70
CA HIS B 243 5.67 -2.49 19.97
C HIS B 243 7.00 -2.23 20.68
N ASP B 244 8.10 -2.17 19.94
CA ASP B 244 9.41 -1.94 20.56
C ASP B 244 9.42 -0.61 21.29
N ARG B 245 8.74 0.41 20.74
CA ARG B 245 8.64 1.69 21.42
C ARG B 245 7.66 1.64 22.59
N MET B 246 6.50 1.01 22.39
CA MET B 246 5.54 0.89 23.49
C MET B 246 6.17 0.18 24.68
N LEU B 247 6.82 -0.96 24.43
CA LEU B 247 7.39 -1.74 25.52
C LEU B 247 8.47 -0.97 26.26
N SER B 248 9.17 -0.08 25.55
CA SER B 248 10.20 0.74 26.18
C SER B 248 9.63 1.92 26.95
N GLN B 249 8.36 2.23 26.78
CA GLN B 249 7.72 3.36 27.43
C GLN B 249 6.91 2.96 28.65
N VAL B 250 6.78 1.66 28.93
CA VAL B 250 6.01 1.23 30.09
C VAL B 250 6.59 1.86 31.35
N LYS B 251 5.73 2.05 32.36
CA LYS B 251 6.10 2.73 33.59
C LYS B 251 5.74 1.96 34.86
N THR B 252 5.10 0.80 34.73
CA THR B 252 4.65 0.02 35.86
C THR B 252 5.12 -1.41 35.72
N PRO B 253 5.22 -2.14 36.82
CA PRO B 253 5.64 -3.55 36.74
C PRO B 253 4.74 -4.33 35.79
N ILE B 254 5.35 -5.28 35.08
CA ILE B 254 4.66 -6.09 34.07
C ILE B 254 4.97 -7.56 34.32
N LEU B 255 3.95 -8.40 34.17
CA LEU B 255 4.10 -9.85 34.20
C LEU B 255 3.76 -10.39 32.82
N ILE B 256 4.65 -11.22 32.26
CA ILE B 256 4.47 -11.83 30.96
C ILE B 256 4.30 -13.32 31.14
N THR B 257 3.13 -13.85 30.79
CA THR B 257 2.92 -15.29 30.74
C THR B 257 3.02 -15.73 29.29
N HIS B 258 3.76 -16.80 29.05
CA HIS B 258 4.04 -17.32 27.72
C HIS B 258 3.51 -18.74 27.64
N HIS B 259 2.40 -18.92 26.92
CA HIS B 259 1.75 -20.22 26.87
C HIS B 259 2.28 -21.04 25.70
N ALA B 260 1.45 -21.92 25.15
CA ALA B 260 1.91 -22.78 24.07
C ALA B 260 2.38 -21.97 22.88
N ARG B 261 3.50 -22.39 22.29
CA ARG B 261 3.99 -21.81 21.05
C ARG B 261 4.90 -22.83 20.38
N THR B 262 4.78 -22.94 19.06
CA THR B 262 5.65 -23.82 18.29
C THR B 262 5.84 -23.22 16.89
N ILE B 263 6.97 -23.56 16.29
CA ILE B 263 7.28 -23.17 14.92
C ILE B 263 7.06 -24.38 14.03
N ASP B 264 6.12 -24.29 13.09
CA ASP B 264 5.82 -25.42 12.24
C ASP B 264 7.07 -25.82 11.46
N PRO B 265 7.44 -27.10 11.44
CA PRO B 265 8.67 -27.51 10.75
C PRO B 265 8.52 -27.67 9.25
N GLU B 266 7.31 -27.52 8.70
CA GLU B 266 7.08 -27.59 7.27
C GLU B 266 6.79 -26.24 6.64
N THR B 267 6.12 -25.33 7.37
CA THR B 267 5.76 -24.03 6.82
C THR B 267 6.48 -22.88 7.50
N GLY B 268 7.15 -23.13 8.63
CA GLY B 268 7.80 -22.07 9.38
C GLY B 268 6.87 -21.15 10.13
N GLU B 269 5.56 -21.41 10.11
CA GLU B 269 4.61 -20.55 10.80
C GLU B 269 4.87 -20.55 12.30
N LEU B 270 4.52 -19.44 12.94
CA LEU B 270 4.43 -19.38 14.40
C LEU B 270 3.02 -19.82 14.79
N LEU B 271 2.92 -20.91 15.53
CA LEU B 271 1.65 -21.37 16.07
C LEU B 271 1.65 -20.99 17.56
N GLY B 272 1.14 -19.81 17.84
CA GLY B 272 1.15 -19.29 19.20
C GLY B 272 1.13 -17.77 19.20
N ALA B 273 1.11 -17.22 20.41
CA ALA B 273 1.02 -15.77 20.54
C ALA B 273 2.31 -15.11 20.11
N LEU B 274 3.46 -15.59 20.59
CA LEU B 274 4.75 -15.02 20.25
C LEU B 274 5.81 -16.09 20.39
N SER B 275 6.94 -15.87 19.72
CA SER B 275 8.04 -16.82 19.73
C SER B 275 8.96 -16.59 20.92
N ASP B 276 9.79 -17.58 21.22
CA ASP B 276 10.75 -17.44 22.30
C ASP B 276 11.62 -16.20 22.10
N LEU B 277 12.05 -15.96 20.86
CA LEU B 277 12.91 -14.80 20.61
C LEU B 277 12.17 -13.50 20.85
N GLN B 278 10.91 -13.42 20.42
CA GLN B 278 10.14 -12.19 20.62
C GLN B 278 9.87 -11.92 22.10
N ALA B 279 9.68 -12.97 22.90
CA ALA B 279 9.47 -12.78 24.33
C ALA B 279 10.75 -12.32 25.01
N GLU B 280 11.90 -12.81 24.54
CA GLU B 280 13.17 -12.37 25.12
C GLU B 280 13.39 -10.88 24.89
N HIS B 281 13.18 -10.41 23.67
CA HIS B 281 13.36 -8.99 23.38
C HIS B 281 12.39 -8.14 24.19
N ALA B 282 11.13 -8.56 24.29
CA ALA B 282 10.16 -7.78 25.06
C ALA B 282 10.61 -7.65 26.51
N GLN B 283 11.15 -8.73 27.09
CA GLN B 283 11.70 -8.65 28.44
C GLN B 283 12.87 -7.68 28.49
N ASP B 284 13.76 -7.74 27.50
CA ASP B 284 14.93 -6.87 27.51
C ASP B 284 14.55 -5.41 27.27
N ILE B 285 13.48 -5.16 26.51
CA ILE B 285 13.03 -3.79 26.31
C ILE B 285 12.50 -3.23 27.62
N ILE B 286 11.62 -3.97 28.29
CA ILE B 286 11.07 -3.53 29.57
C ILE B 286 12.20 -3.36 30.58
N ARG B 287 13.08 -4.36 30.67
CA ARG B 287 14.19 -4.27 31.62
C ARG B 287 15.00 -3.01 31.40
N SER B 288 15.26 -2.67 30.13
CA SER B 288 16.02 -1.46 29.82
C SER B 288 15.26 -0.19 30.16
N ALA B 289 13.93 -0.26 30.30
CA ALA B 289 13.13 0.87 30.75
C ALA B 289 13.20 1.07 32.25
N GLY B 290 13.95 0.24 32.97
CA GLY B 290 14.07 0.38 34.41
C GLY B 290 12.86 -0.09 35.19
N VAL B 291 11.97 -0.86 34.57
CA VAL B 291 10.71 -1.29 35.17
C VAL B 291 10.80 -2.77 35.50
N ARG B 292 10.27 -3.14 36.66
CA ARG B 292 10.25 -4.54 37.06
C ARG B 292 9.46 -5.35 36.05
N VAL B 293 10.02 -6.48 35.63
CA VAL B 293 9.35 -7.40 34.72
C VAL B 293 9.60 -8.83 35.18
N ASP B 294 8.54 -9.62 35.24
CA ASP B 294 8.62 -11.04 35.54
C ASP B 294 8.09 -11.82 34.34
N TYR B 295 8.64 -13.01 34.14
CA TYR B 295 8.33 -13.82 32.97
C TYR B 295 8.06 -15.25 33.42
N GLN B 296 6.86 -15.75 33.14
CA GLN B 296 6.47 -17.12 33.43
C GLN B 296 6.15 -17.81 32.11
N SER B 297 6.83 -18.93 31.83
CA SER B 297 6.56 -19.73 30.65
C SER B 297 5.68 -20.90 31.06
N HIS B 298 4.52 -21.02 30.42
CA HIS B 298 3.59 -22.14 30.64
C HIS B 298 3.37 -22.83 29.31
N PRO B 299 4.36 -23.59 28.83
CA PRO B 299 4.33 -24.06 27.43
C PRO B 299 3.24 -25.06 27.12
N ASP B 300 2.57 -25.63 28.13
CA ASP B 300 1.46 -26.55 27.93
C ASP B 300 0.10 -25.88 28.07
N ALA B 301 0.06 -24.61 28.45
CA ALA B 301 -1.19 -23.92 28.69
C ALA B 301 -1.84 -23.52 27.38
N LEU B 302 -3.17 -23.43 27.40
CA LEU B 302 -3.89 -22.93 26.24
C LEU B 302 -3.76 -21.41 26.16
N HIS B 303 -4.01 -20.87 24.97
CA HIS B 303 -3.87 -19.44 24.76
C HIS B 303 -4.71 -18.65 25.76
N MET B 304 -5.97 -19.04 25.95
CA MET B 304 -6.86 -18.36 26.89
C MET B 304 -6.90 -19.17 28.18
N MET B 305 -5.85 -19.03 28.99
CA MET B 305 -5.78 -19.75 30.25
C MET B 305 -6.86 -19.26 31.22
N HIS B 306 -7.17 -17.97 31.19
CA HIS B 306 -8.16 -17.42 32.11
C HIS B 306 -9.54 -18.03 31.90
N LEU B 307 -9.79 -18.63 30.73
CA LEU B 307 -11.08 -19.22 30.41
C LEU B 307 -11.06 -20.75 30.49
N PHE B 308 -9.99 -21.39 30.04
CA PHE B 308 -9.94 -22.85 29.98
C PHE B 308 -9.17 -23.46 31.14
N ASP B 309 -8.48 -22.64 31.93
CA ASP B 309 -7.91 -23.10 33.21
C ASP B 309 -8.00 -21.95 34.20
N PRO B 310 -9.22 -21.44 34.47
CA PRO B 310 -9.33 -20.23 35.31
C PRO B 310 -8.68 -20.38 36.67
N ALA B 311 -8.68 -21.60 37.24
CA ALA B 311 -8.02 -21.81 38.52
C ALA B 311 -6.54 -21.47 38.44
N ARG B 312 -5.86 -21.98 37.40
CA ARG B 312 -4.44 -21.68 37.24
C ARG B 312 -4.21 -20.19 37.02
N TYR B 313 -5.09 -19.55 36.24
CA TYR B 313 -4.91 -18.13 35.93
C TYR B 313 -5.13 -17.27 37.16
N ALA B 314 -6.14 -17.60 37.96
CA ALA B 314 -6.41 -16.84 39.17
C ALA B 314 -5.22 -16.92 40.14
N GLU B 315 -4.65 -18.11 40.29
CA GLU B 315 -3.52 -18.29 41.18
C GLU B 315 -2.33 -17.44 40.74
N ILE B 316 -2.00 -17.48 39.45
CA ILE B 316 -0.88 -16.71 38.92
C ILE B 316 -1.12 -15.22 39.17
N LEU B 317 -2.32 -14.75 38.83
CA LEU B 317 -2.63 -13.33 39.00
C LEU B 317 -2.60 -12.93 40.46
N THR B 318 -3.31 -13.68 41.31
CA THR B 318 -3.38 -13.33 42.73
C THR B 318 -2.01 -13.37 43.37
N SER B 319 -1.20 -14.37 43.04
CA SER B 319 0.13 -14.48 43.64
C SER B 319 1.03 -13.33 43.20
N TRP B 320 1.04 -13.04 41.89
CA TRP B 320 1.89 -11.98 41.38
C TRP B 320 1.46 -10.61 41.91
N SER B 321 0.14 -10.39 42.01
CA SER B 321 -0.34 -9.12 42.54
C SER B 321 0.08 -8.95 44.01
N ALA B 322 0.23 -10.05 44.73
CA ALA B 322 0.62 -9.97 46.14
C ALA B 322 2.04 -9.47 46.31
N THR B 323 2.89 -9.69 45.31
CA THR B 323 4.27 -9.20 45.35
C THR B 323 4.39 -7.77 44.87
N LEU B 324 3.27 -7.09 44.57
CA LEU B 324 3.37 -5.71 44.12
C LEU B 324 3.40 -4.76 45.31
N PRO B 325 4.05 -3.61 45.18
CA PRO B 325 3.99 -2.61 46.25
C PRO B 325 2.58 -2.05 46.41
N ALA B 326 2.25 -1.70 47.65
CA ALA B 326 0.93 -1.16 47.96
C ALA B 326 0.77 0.23 47.36
N ASN C 25 32.78 -0.92 -17.30
CA ASN C 25 33.61 -1.92 -17.95
C ASN C 25 34.43 -2.73 -16.94
N ILE C 26 33.73 -3.50 -16.12
CA ILE C 26 34.36 -4.40 -15.16
C ILE C 26 34.29 -5.86 -15.63
N PHE C 27 34.17 -6.08 -16.93
CA PHE C 27 33.98 -7.43 -17.45
C PHE C 27 35.32 -8.12 -17.60
N VAL C 28 35.28 -9.46 -17.57
CA VAL C 28 36.46 -10.30 -17.61
C VAL C 28 36.39 -11.21 -18.83
N SER C 29 37.53 -11.81 -19.16
CA SER C 29 37.61 -12.69 -20.32
C SER C 29 36.92 -14.01 -20.05
N HIS C 30 36.63 -14.74 -21.12
CA HIS C 30 35.92 -16.02 -21.02
C HIS C 30 36.32 -16.90 -22.20
N ARG C 31 36.04 -18.19 -22.05
CA ARG C 31 36.46 -19.19 -23.01
C ARG C 31 35.60 -19.24 -24.27
N PHE C 32 34.42 -18.64 -24.24
CA PHE C 32 33.52 -18.65 -25.38
C PHE C 32 33.30 -17.23 -25.89
N PRO C 33 33.49 -16.96 -27.17
CA PRO C 33 33.25 -15.61 -27.69
C PRO C 33 31.82 -15.17 -27.43
N GLU C 34 31.67 -13.88 -27.15
CA GLU C 34 30.38 -13.29 -26.79
C GLU C 34 29.85 -12.44 -27.94
N ARG C 35 28.53 -12.44 -28.10
CA ARG C 35 27.86 -11.62 -29.09
C ARG C 35 26.68 -10.92 -28.43
N GLN C 36 26.27 -9.80 -29.02
CA GLN C 36 25.14 -9.01 -28.53
C GLN C 36 24.13 -8.83 -29.64
N VAL C 37 22.84 -8.83 -29.27
CA VAL C 37 21.75 -8.62 -30.21
C VAL C 37 20.82 -7.58 -29.62
N ASP C 38 20.25 -6.73 -30.47
CA ASP C 38 19.33 -5.69 -30.05
C ASP C 38 17.92 -6.27 -30.06
N LEU C 39 17.31 -6.40 -28.89
CA LEU C 39 15.95 -6.90 -28.77
C LEU C 39 14.91 -5.80 -28.87
N GLY C 40 15.33 -4.55 -29.08
CA GLY C 40 14.41 -3.42 -29.10
C GLY C 40 14.73 -2.45 -27.97
N GLU C 41 14.44 -2.85 -26.75
CA GLU C 41 14.81 -2.08 -25.57
C GLU C 41 16.13 -2.57 -24.98
N VAL C 42 16.29 -3.87 -24.84
CA VAL C 42 17.49 -4.47 -24.27
C VAL C 42 18.41 -4.92 -25.40
N VAL C 43 19.70 -4.84 -25.15
CA VAL C 43 20.73 -5.38 -26.02
C VAL C 43 21.32 -6.58 -25.29
N MET C 44 20.88 -7.78 -25.66
CA MET C 44 21.20 -8.98 -24.91
C MET C 44 22.55 -9.56 -25.33
N ASN C 45 23.43 -9.76 -24.35
CA ASN C 45 24.70 -10.42 -24.57
C ASN C 45 24.54 -11.92 -24.35
N PHE C 46 25.25 -12.73 -25.15
CA PHE C 46 25.14 -14.17 -25.06
C PHE C 46 26.40 -14.83 -25.61
N ALA C 47 26.55 -16.11 -25.29
CA ALA C 47 27.67 -16.93 -25.75
C ALA C 47 27.14 -18.17 -26.43
N GLU C 48 27.65 -18.47 -27.62
CA GLU C 48 27.20 -19.58 -28.43
C GLU C 48 28.26 -20.69 -28.44
N ALA C 49 27.81 -21.93 -28.43
CA ALA C 49 28.71 -23.08 -28.44
C ALA C 49 28.03 -24.28 -29.06
N GLY C 50 28.77 -25.03 -29.87
CA GLY C 50 28.29 -26.27 -30.45
C GLY C 50 27.78 -26.09 -31.87
N SER C 51 27.46 -27.22 -32.49
CA SER C 51 27.05 -27.22 -33.88
C SER C 51 25.54 -27.11 -34.00
N PRO C 52 25.01 -26.40 -35.01
CA PRO C 52 23.55 -26.36 -35.19
C PRO C 52 22.95 -27.70 -35.59
N ASP C 53 23.76 -28.72 -35.87
CA ASP C 53 23.21 -30.04 -36.17
C ASP C 53 22.46 -30.65 -34.99
N ASN C 54 22.74 -30.18 -33.78
CA ASN C 54 22.14 -30.69 -32.56
C ASN C 54 21.01 -29.77 -32.11
N PRO C 55 20.17 -30.24 -31.18
CA PRO C 55 19.04 -29.41 -30.73
C PRO C 55 19.51 -28.13 -30.07
N ALA C 56 18.65 -27.12 -30.12
CA ALA C 56 18.95 -25.83 -29.50
C ALA C 56 18.64 -25.87 -28.02
N LEU C 57 19.53 -25.28 -27.22
CA LEU C 57 19.42 -25.27 -25.76
C LEU C 57 19.65 -23.85 -25.27
N LEU C 58 18.68 -23.29 -24.56
CA LEU C 58 18.79 -21.97 -23.97
C LEU C 58 19.06 -22.10 -22.47
N LEU C 59 20.13 -21.46 -22.01
CA LEU C 59 20.55 -21.54 -20.61
C LEU C 59 20.33 -20.20 -19.94
N LEU C 60 19.53 -20.20 -18.88
CA LEU C 60 19.18 -18.98 -18.15
C LEU C 60 19.87 -18.98 -16.80
N PRO C 61 20.73 -18.02 -16.49
CA PRO C 61 21.42 -18.03 -15.20
C PRO C 61 20.48 -17.67 -14.06
N GLU C 62 20.97 -17.92 -12.85
CA GLU C 62 20.26 -17.52 -11.65
C GLU C 62 20.53 -16.04 -11.36
N GLN C 63 19.86 -15.52 -10.33
CA GLN C 63 20.05 -14.12 -9.95
C GLN C 63 21.50 -13.89 -9.52
N THR C 64 22.03 -12.73 -9.91
CA THR C 64 23.41 -12.30 -9.66
C THR C 64 24.41 -13.08 -10.50
N GLY C 65 23.95 -14.00 -11.36
CA GLY C 65 24.83 -14.80 -12.19
C GLY C 65 24.73 -14.37 -13.65
N SER C 66 25.88 -14.26 -14.30
CA SER C 66 25.92 -13.92 -15.72
C SER C 66 25.84 -15.19 -16.55
N TRP C 67 25.91 -15.03 -17.87
CA TRP C 67 25.88 -16.21 -18.75
C TRP C 67 26.99 -17.19 -18.39
N TRP C 68 28.12 -16.69 -17.89
CA TRP C 68 29.25 -17.56 -17.57
C TRP C 68 29.04 -18.33 -16.28
N SER C 69 27.86 -18.25 -15.67
CA SER C 69 27.48 -19.23 -14.65
C SER C 69 27.46 -20.63 -15.23
N TYR C 70 27.29 -20.75 -16.56
CA TYR C 70 27.24 -22.03 -17.25
C TYR C 70 28.53 -22.36 -18.00
N GLU C 71 29.53 -21.47 -17.98
CA GLU C 71 30.74 -21.68 -18.77
C GLU C 71 31.41 -23.01 -18.49
N PRO C 72 31.55 -23.47 -17.24
CA PRO C 72 32.19 -24.78 -17.02
C PRO C 72 31.41 -25.96 -17.60
N VAL C 73 30.11 -25.81 -17.84
CA VAL C 73 29.29 -26.91 -18.33
C VAL C 73 28.92 -26.77 -19.80
N MET C 74 29.21 -25.62 -20.43
CA MET C 74 28.83 -25.44 -21.83
C MET C 74 29.61 -26.38 -22.74
N GLY C 75 30.87 -26.66 -22.41
CA GLY C 75 31.66 -27.57 -23.24
C GLY C 75 31.01 -28.93 -23.36
N LEU C 76 30.60 -29.50 -22.23
CA LEU C 76 29.94 -30.80 -22.25
C LEU C 76 28.61 -30.72 -23.00
N LEU C 77 27.77 -29.74 -22.66
CA LEU C 77 26.47 -29.63 -23.31
C LEU C 77 26.62 -29.39 -24.81
N ALA C 78 27.65 -28.64 -25.22
CA ALA C 78 27.85 -28.36 -26.64
C ALA C 78 28.08 -29.62 -27.45
N GLU C 79 28.48 -30.71 -26.80
CA GLU C 79 28.69 -31.96 -27.52
C GLU C 79 27.37 -32.54 -28.05
N ASN C 80 26.25 -32.23 -27.41
CA ASN C 80 24.95 -32.75 -27.82
C ASN C 80 23.90 -31.68 -28.07
N PHE C 81 24.23 -30.41 -27.83
CA PHE C 81 23.27 -29.32 -27.99
C PHE C 81 23.94 -28.14 -28.68
N HIS C 82 23.14 -27.40 -29.44
CA HIS C 82 23.51 -26.05 -29.87
C HIS C 82 23.15 -25.12 -28.71
N VAL C 83 24.16 -24.72 -27.94
CA VAL C 83 23.95 -24.07 -26.65
C VAL C 83 24.00 -22.56 -26.81
N PHE C 84 23.05 -21.88 -26.16
CA PHE C 84 23.05 -20.42 -26.03
C PHE C 84 22.94 -20.09 -24.56
N ALA C 85 23.94 -19.38 -24.03
CA ALA C 85 23.91 -18.86 -22.66
C ALA C 85 23.85 -17.35 -22.72
N VAL C 86 22.87 -16.75 -22.02
CA VAL C 86 22.56 -15.34 -22.18
C VAL C 86 22.75 -14.61 -20.85
N ASP C 87 23.03 -13.33 -20.97
CA ASP C 87 22.95 -12.40 -19.83
C ASP C 87 21.55 -11.80 -19.82
N ILE C 88 20.79 -12.09 -18.76
CA ILE C 88 19.46 -11.49 -18.61
C ILE C 88 19.61 -10.01 -18.34
N ARG C 89 18.62 -9.24 -18.76
CA ARG C 89 18.66 -7.80 -18.54
C ARG C 89 18.86 -7.49 -17.06
N GLY C 90 19.68 -6.48 -16.78
CA GLY C 90 20.09 -6.21 -15.42
C GLY C 90 21.21 -7.10 -14.93
N GLN C 91 21.94 -7.74 -15.83
CA GLN C 91 22.98 -8.68 -15.45
C GLN C 91 23.99 -8.78 -16.57
N GLY C 92 25.27 -8.85 -16.20
CA GLY C 92 26.29 -9.02 -17.21
C GLY C 92 26.36 -7.84 -18.16
N ARG C 93 26.67 -8.14 -19.42
CA ARG C 93 26.79 -7.13 -20.45
C ARG C 93 25.45 -6.71 -21.04
N SER C 94 24.35 -7.33 -20.61
CA SER C 94 23.06 -6.93 -21.10
C SER C 94 22.64 -5.61 -20.44
N THR C 95 21.69 -4.93 -21.08
CA THR C 95 21.31 -3.60 -20.66
C THR C 95 20.70 -3.62 -19.26
N TRP C 96 21.18 -2.71 -18.40
CA TRP C 96 20.49 -2.46 -17.14
C TRP C 96 19.30 -1.56 -17.40
N THR C 97 18.13 -1.96 -16.90
CA THR C 97 16.86 -1.28 -17.17
C THR C 97 16.22 -0.85 -15.86
N PRO C 98 16.56 0.34 -15.35
CA PRO C 98 15.93 0.81 -14.11
C PRO C 98 14.41 0.78 -14.18
N ARG C 99 13.80 0.31 -13.09
CA ARG C 99 12.37 0.37 -12.83
C ARG C 99 11.54 -0.48 -13.80
N ARG C 100 12.17 -1.35 -14.58
CA ARG C 100 11.45 -2.20 -15.53
C ARG C 100 11.78 -3.67 -15.31
N TYR C 101 12.15 -4.03 -14.09
CA TYR C 101 12.55 -5.41 -13.76
C TYR C 101 11.30 -6.18 -13.35
N SER C 102 10.77 -6.98 -14.27
CA SER C 102 9.63 -7.84 -14.01
C SER C 102 9.85 -9.17 -14.71
N LEU C 103 9.14 -10.20 -14.24
CA LEU C 103 9.21 -11.49 -14.91
C LEU C 103 8.67 -11.40 -16.33
N ASP C 104 7.63 -10.60 -16.55
CA ASP C 104 7.09 -10.46 -17.90
C ASP C 104 8.11 -9.83 -18.84
N ASN C 105 8.84 -8.82 -18.36
CA ASN C 105 9.85 -8.17 -19.21
C ASN C 105 11.07 -9.07 -19.40
N PHE C 106 11.48 -9.80 -18.36
CA PHE C 106 12.53 -10.80 -18.52
C PHE C 106 12.14 -11.81 -19.59
N GLY C 107 10.93 -12.37 -19.49
CA GLY C 107 10.53 -13.44 -20.40
C GLY C 107 10.35 -12.95 -21.82
N ASN C 108 9.78 -11.75 -21.99
CA ASN C 108 9.56 -11.25 -23.34
C ASN C 108 10.87 -10.89 -24.02
N ASP C 109 11.89 -10.51 -23.24
CA ASP C 109 13.23 -10.39 -23.80
C ASP C 109 13.68 -11.73 -24.38
N LEU C 110 13.46 -12.81 -23.64
CA LEU C 110 13.90 -14.13 -24.08
C LEU C 110 13.11 -14.61 -25.29
N VAL C 111 11.81 -14.30 -25.34
CA VAL C 111 11.02 -14.60 -26.52
C VAL C 111 11.64 -13.95 -27.75
N ARG C 112 11.98 -12.66 -27.64
CA ARG C 112 12.61 -11.97 -28.75
C ARG C 112 13.95 -12.61 -29.12
N PHE C 113 14.72 -13.01 -28.10
CA PHE C 113 16.03 -13.63 -28.38
C PHE C 113 15.86 -14.91 -29.18
N ILE C 114 14.97 -15.79 -28.73
CA ILE C 114 14.70 -17.03 -29.45
C ILE C 114 14.26 -16.74 -30.88
N ALA C 115 13.59 -15.60 -31.10
CA ALA C 115 13.07 -15.29 -32.43
C ALA C 115 14.10 -14.63 -33.32
N LEU C 116 15.06 -13.91 -32.75
CA LEU C 116 16.04 -13.18 -33.53
C LEU C 116 17.36 -13.91 -33.70
N VAL C 117 17.74 -14.77 -32.76
CA VAL C 117 19.04 -15.42 -32.77
C VAL C 117 18.92 -16.91 -33.06
N ILE C 118 18.10 -17.62 -32.29
CA ILE C 118 18.03 -19.08 -32.41
C ILE C 118 17.16 -19.48 -33.58
N LYS C 119 15.96 -18.89 -33.70
CA LYS C 119 15.07 -19.15 -34.83
C LYS C 119 14.69 -20.62 -34.95
N ARG C 120 14.72 -21.34 -33.83
CA ARG C 120 14.42 -22.77 -33.79
C ARG C 120 13.73 -23.09 -32.48
N PRO C 121 13.00 -24.20 -32.41
CA PRO C 121 12.49 -24.65 -31.11
C PRO C 121 13.65 -24.91 -30.16
N VAL C 122 13.49 -24.46 -28.91
CA VAL C 122 14.55 -24.53 -27.93
C VAL C 122 14.07 -25.32 -26.73
N VAL C 123 14.98 -26.08 -26.12
CA VAL C 123 14.80 -26.60 -24.78
C VAL C 123 15.50 -25.64 -23.83
N VAL C 124 14.73 -25.00 -22.95
CA VAL C 124 15.25 -24.01 -22.04
C VAL C 124 15.52 -24.66 -20.69
N ALA C 125 16.67 -24.32 -20.10
CA ALA C 125 17.04 -24.81 -18.78
C ALA C 125 17.59 -23.63 -17.99
N GLY C 126 16.92 -23.29 -16.90
CA GLY C 126 17.31 -22.16 -16.08
C GLY C 126 17.45 -22.57 -14.63
N ASN C 127 18.38 -21.89 -13.95
CA ASN C 127 18.66 -22.14 -12.53
C ASN C 127 17.94 -21.09 -11.71
N SER C 128 17.10 -21.53 -10.77
CA SER C 128 16.45 -20.66 -9.81
C SER C 128 15.62 -19.57 -10.48
N SER C 129 16.12 -18.33 -10.48
CA SER C 129 15.43 -17.27 -11.19
C SER C 129 15.26 -17.60 -12.67
N GLY C 130 16.30 -18.15 -13.29
CA GLY C 130 16.18 -18.60 -14.66
C GLY C 130 15.22 -19.76 -14.82
N GLY C 131 15.12 -20.62 -13.80
CA GLY C 131 14.14 -21.70 -13.85
C GLY C 131 12.72 -21.18 -13.82
N LEU C 132 12.46 -20.17 -12.97
CA LEU C 132 11.18 -19.49 -13.01
C LEU C 132 10.90 -18.93 -14.39
N LEU C 133 11.94 -18.41 -15.06
CA LEU C 133 11.74 -17.84 -16.37
C LEU C 133 11.55 -18.93 -17.43
N ALA C 134 12.18 -20.10 -17.22
CA ALA C 134 11.94 -21.20 -18.15
C ALA C 134 10.50 -21.67 -18.08
N ALA C 135 9.94 -21.77 -16.87
CA ALA C 135 8.53 -22.08 -16.72
C ALA C 135 7.65 -20.95 -17.26
N TRP C 136 8.09 -19.71 -17.10
CA TRP C 136 7.41 -18.58 -17.72
C TRP C 136 7.31 -18.80 -19.24
N LEU C 137 8.45 -19.06 -19.88
CA LEU C 137 8.46 -19.24 -21.33
C LEU C 137 7.57 -20.40 -21.75
N SER C 138 7.63 -21.53 -21.02
CA SER C 138 6.81 -22.68 -21.38
C SER C 138 5.33 -22.33 -21.38
N ALA C 139 4.93 -21.33 -20.61
CA ALA C 139 3.53 -20.91 -20.50
C ALA C 139 3.20 -19.71 -21.38
N TYR C 140 4.10 -18.73 -21.49
CA TYR C 140 3.79 -17.46 -22.12
C TYR C 140 4.63 -17.14 -23.34
N ALA C 141 5.50 -18.04 -23.78
CA ALA C 141 6.29 -17.79 -24.98
C ALA C 141 5.41 -17.82 -26.22
N MET C 142 6.01 -17.48 -27.36
CA MET C 142 5.27 -17.53 -28.61
C MET C 142 5.04 -18.98 -29.03
N PRO C 143 3.94 -19.26 -29.71
CA PRO C 143 3.55 -20.67 -29.95
C PRO C 143 4.61 -21.43 -30.72
N GLY C 144 5.11 -22.51 -30.11
CA GLY C 144 6.09 -23.36 -30.73
C GLY C 144 7.54 -23.04 -30.41
N GLN C 145 7.80 -22.03 -29.59
CA GLN C 145 9.19 -21.66 -29.29
C GLN C 145 9.82 -22.64 -28.31
N ILE C 146 9.07 -23.05 -27.28
CA ILE C 146 9.60 -23.88 -26.21
C ILE C 146 9.20 -25.32 -26.44
N ARG C 147 10.20 -26.20 -26.47
CA ARG C 147 9.98 -27.64 -26.56
C ARG C 147 9.73 -28.24 -25.19
N ALA C 148 10.54 -27.86 -24.20
CA ALA C 148 10.47 -28.37 -22.84
C ALA C 148 11.29 -27.43 -21.96
N ALA C 149 10.99 -27.45 -20.66
CA ALA C 149 11.58 -26.51 -19.71
C ALA C 149 12.17 -27.26 -18.54
N LEU C 150 13.46 -27.03 -18.27
CA LEU C 150 14.13 -27.57 -17.10
C LEU C 150 14.24 -26.46 -16.06
N CYS C 151 13.69 -26.70 -14.88
CA CYS C 151 13.71 -25.74 -13.77
C CYS C 151 14.65 -26.29 -12.69
N GLU C 152 15.83 -25.70 -12.60
CA GLU C 152 16.87 -26.19 -11.69
C GLU C 152 16.80 -25.40 -10.39
N ASP C 153 16.36 -26.07 -9.32
CA ASP C 153 16.20 -25.46 -7.99
C ASP C 153 15.47 -24.12 -8.09
N ALA C 154 14.28 -24.18 -8.65
CA ALA C 154 13.49 -22.98 -8.87
C ALA C 154 12.76 -22.58 -7.60
N PRO C 155 12.84 -21.30 -7.18
CA PRO C 155 12.14 -20.87 -5.95
C PRO C 155 10.67 -20.55 -6.21
N PHE C 156 9.93 -21.55 -6.70
CA PHE C 156 8.50 -21.39 -6.86
C PHE C 156 7.87 -21.00 -5.54
N PHE C 157 7.02 -19.97 -5.57
CA PHE C 157 6.36 -19.46 -4.38
C PHE C 157 7.31 -18.74 -3.44
N ALA C 158 8.35 -19.44 -2.95
CA ALA C 158 9.26 -18.86 -1.97
C ALA C 158 9.94 -17.58 -2.46
N SER C 159 9.85 -17.26 -3.75
CA SER C 159 10.37 -16.00 -4.28
C SER C 159 9.27 -14.97 -4.52
N GLU C 160 8.03 -15.28 -4.15
CA GLU C 160 6.93 -14.34 -4.20
C GLU C 160 6.79 -13.60 -2.87
N LEU C 161 6.13 -12.43 -2.91
CA LEU C 161 5.86 -11.70 -1.68
C LEU C 161 4.69 -12.30 -0.91
N VAL C 162 3.61 -12.64 -1.61
CA VAL C 162 2.45 -13.30 -1.01
C VAL C 162 2.18 -14.57 -1.81
N PRO C 163 2.91 -15.65 -1.58
CA PRO C 163 2.70 -16.87 -2.36
C PRO C 163 1.42 -17.58 -1.96
N ALA C 164 0.91 -18.37 -2.90
CA ALA C 164 -0.28 -19.17 -2.63
C ALA C 164 0.02 -20.25 -1.61
N TYR C 165 1.27 -20.72 -1.53
CA TYR C 165 1.63 -21.81 -0.64
C TYR C 165 2.98 -21.53 -0.01
N GLY C 166 3.12 -21.94 1.26
CA GLY C 166 4.42 -21.99 1.90
C GLY C 166 5.02 -20.63 2.19
N HIS C 167 6.34 -20.66 2.40
CA HIS C 167 7.06 -19.46 2.81
C HIS C 167 7.00 -18.40 1.72
N SER C 168 7.11 -17.14 2.13
CA SER C 168 7.29 -16.04 1.21
C SER C 168 8.76 -15.67 1.14
N VAL C 169 9.08 -14.78 0.19
CA VAL C 169 10.46 -14.33 0.04
C VAL C 169 10.97 -13.74 1.36
N LEU C 170 10.07 -13.21 2.18
CA LEU C 170 10.46 -12.55 3.43
C LEU C 170 10.96 -13.52 4.49
N GLN C 171 10.56 -14.80 4.42
CA GLN C 171 11.03 -15.82 5.34
C GLN C 171 11.98 -16.80 4.66
N ALA C 172 12.67 -16.35 3.62
CA ALA C 172 13.63 -17.20 2.91
C ALA C 172 14.81 -16.36 2.42
N ALA C 173 14.85 -16.05 1.13
CA ALA C 173 15.96 -15.32 0.54
C ALA C 173 15.78 -13.80 0.59
N GLY C 174 14.63 -13.32 1.06
CA GLY C 174 14.36 -11.89 1.12
C GLY C 174 15.37 -11.08 1.91
N PRO C 175 15.84 -11.55 3.05
CA PRO C 175 16.80 -10.74 3.82
C PRO C 175 18.08 -10.43 3.06
N ALA C 176 18.54 -11.35 2.21
CA ALA C 176 19.72 -11.06 1.39
C ALA C 176 19.41 -9.99 0.34
N PHE C 177 18.27 -10.11 -0.35
CA PHE C 177 17.89 -9.10 -1.31
C PHE C 177 17.67 -7.74 -0.65
N GLU C 178 17.30 -7.72 0.63
CA GLU C 178 17.13 -6.45 1.33
C GLU C 178 18.46 -5.75 1.55
N LEU C 179 19.50 -6.51 1.92
CA LEU C 179 20.82 -5.93 2.08
C LEU C 179 21.42 -5.50 0.75
N TYR C 180 21.12 -6.22 -0.34
CA TYR C 180 21.54 -5.78 -1.68
C TYR C 180 20.98 -4.39 -1.98
N ARG C 181 19.70 -4.19 -1.70
CA ARG C 181 19.07 -2.90 -1.96
C ARG C 181 19.58 -1.83 -1.01
N ASP C 182 19.73 -2.15 0.27
CA ASP C 182 20.07 -1.13 1.25
C ASP C 182 21.53 -0.72 1.16
N PHE C 183 22.42 -1.67 0.84
CA PHE C 183 23.87 -1.40 0.88
C PHE C 183 24.52 -1.35 -0.48
N LEU C 184 24.02 -2.07 -1.48
CA LEU C 184 24.51 -1.94 -2.85
C LEU C 184 23.67 -0.93 -3.63
N GLY C 185 22.35 -1.05 -3.56
CA GLY C 185 21.47 -0.04 -4.10
C GLY C 185 21.27 -0.17 -5.61
N ASP C 186 20.18 0.42 -6.07
CA ASP C 186 19.82 0.36 -7.49
C ASP C 186 21.00 0.79 -8.36
N GLN C 187 21.34 -0.05 -9.33
CA GLN C 187 22.41 0.25 -10.29
C GLN C 187 23.71 0.60 -9.57
N TRP C 188 23.99 -0.10 -8.48
CA TRP C 188 25.20 0.09 -7.71
C TRP C 188 25.43 1.56 -7.38
N SER C 189 24.34 2.26 -7.04
CA SER C 189 24.41 3.67 -6.71
C SER C 189 24.97 3.92 -5.31
N ILE C 190 24.89 2.96 -4.41
CA ILE C 190 25.47 3.07 -3.09
C ILE C 190 26.83 2.40 -3.04
N GLY C 191 26.87 1.13 -3.44
CA GLY C 191 28.14 0.43 -3.59
C GLY C 191 28.92 0.26 -2.31
N ASP C 192 28.22 0.11 -1.18
CA ASP C 192 28.87 -0.05 0.13
C ASP C 192 29.03 -1.54 0.40
N TRP C 193 30.00 -2.14 -0.29
CA TRP C 193 30.18 -3.59 -0.18
C TRP C 193 30.57 -4.00 1.23
N LYS C 194 31.55 -3.29 1.83
CA LYS C 194 31.94 -3.62 3.20
C LYS C 194 30.76 -3.49 4.15
N GLY C 195 29.92 -2.46 3.94
CA GLY C 195 28.75 -2.31 4.78
C GLY C 195 27.75 -3.44 4.59
N PHE C 196 27.62 -3.93 3.36
CA PHE C 196 26.76 -5.09 3.12
C PHE C 196 27.29 -6.30 3.88
N VAL C 197 28.59 -6.57 3.78
CA VAL C 197 29.18 -7.73 4.44
C VAL C 197 28.99 -7.64 5.94
N GLU C 198 29.20 -6.46 6.51
CA GLU C 198 29.02 -6.27 7.95
C GLU C 198 27.59 -6.56 8.36
N ALA C 199 26.62 -6.00 7.63
CA ALA C 199 25.22 -6.22 7.97
C ALA C 199 24.81 -7.67 7.80
N ALA C 200 25.32 -8.34 6.77
CA ALA C 200 24.98 -9.74 6.56
C ALA C 200 25.47 -10.62 7.71
N LYS C 201 26.67 -10.33 8.22
CA LYS C 201 27.18 -11.08 9.36
C LYS C 201 26.32 -10.84 10.60
N ALA C 202 25.84 -9.62 10.79
CA ALA C 202 25.02 -9.29 11.94
C ALA C 202 23.56 -9.65 11.75
N SER C 203 23.17 -10.07 10.56
CA SER C 203 21.75 -10.31 10.32
C SER C 203 21.25 -11.45 11.20
N PRO C 204 20.02 -11.35 11.72
CA PRO C 204 19.44 -12.49 12.45
C PRO C 204 18.92 -13.59 11.55
N ALA C 205 18.79 -13.33 10.25
CA ALA C 205 18.29 -14.35 9.32
C ALA C 205 19.35 -15.44 9.15
N LYS C 206 18.96 -16.68 9.46
CA LYS C 206 19.88 -17.79 9.29
C LYS C 206 20.19 -18.05 7.82
N ALA C 207 19.31 -17.63 6.91
CA ALA C 207 19.54 -17.87 5.48
C ALA C 207 20.62 -16.98 4.91
N MET C 208 21.14 -16.02 5.68
CA MET C 208 22.21 -15.17 5.19
C MET C 208 23.51 -15.94 4.97
N GLN C 209 23.69 -17.07 5.67
CA GLN C 209 24.92 -17.83 5.53
C GLN C 209 25.07 -18.41 4.12
N LEU C 210 23.97 -18.59 3.39
CA LEU C 210 24.02 -19.13 2.04
C LEU C 210 24.48 -18.10 1.00
N PHE C 211 24.44 -16.79 1.34
CA PHE C 211 24.84 -15.77 0.38
C PHE C 211 26.29 -15.37 0.62
N PRO C 212 27.12 -15.31 -0.43
CA PRO C 212 28.55 -15.07 -0.22
C PRO C 212 28.86 -13.65 0.22
N THR C 213 29.89 -13.52 1.04
CA THR C 213 30.33 -12.22 1.56
C THR C 213 31.85 -12.18 1.64
N PRO C 214 32.53 -12.15 0.49
CA PRO C 214 34.00 -12.05 0.52
C PRO C 214 34.43 -10.64 0.89
N ASP C 215 35.75 -10.50 1.10
CA ASP C 215 36.32 -9.19 1.41
C ASP C 215 36.17 -8.21 0.25
N GLU C 216 35.94 -8.70 -0.96
CA GLU C 216 35.73 -7.86 -2.12
C GLU C 216 34.55 -8.39 -2.91
N ALA C 217 33.77 -7.47 -3.48
CA ALA C 217 32.59 -7.87 -4.23
C ALA C 217 33.00 -8.83 -5.35
N PRO C 218 32.35 -9.99 -5.48
CA PRO C 218 32.74 -10.93 -6.53
C PRO C 218 32.38 -10.41 -7.92
N GLN C 219 33.02 -11.01 -8.92
CA GLN C 219 32.85 -10.57 -10.30
C GLN C 219 31.38 -10.66 -10.73
N ASN C 220 30.74 -11.79 -10.43
CA ASN C 220 29.35 -11.98 -10.85
C ASN C 220 28.45 -10.88 -10.29
N LEU C 221 28.73 -10.43 -9.05
CA LEU C 221 27.89 -9.43 -8.42
C LEU C 221 28.16 -8.03 -8.95
N LYS C 222 29.40 -7.74 -9.37
CA LYS C 222 29.71 -6.45 -9.96
C LYS C 222 29.01 -6.26 -11.29
N GLU C 223 28.62 -7.33 -11.97
CA GLU C 223 27.88 -7.25 -13.22
C GLU C 223 26.37 -7.31 -13.02
N TYR C 224 25.91 -7.16 -11.78
CA TYR C 224 24.52 -7.41 -11.40
C TYR C 224 23.88 -6.11 -10.94
N ASP C 225 22.69 -5.82 -11.47
CA ASP C 225 21.93 -4.64 -11.06
C ASP C 225 21.18 -4.91 -9.76
N PRO C 226 21.58 -4.31 -8.64
CA PRO C 226 20.94 -4.65 -7.36
C PRO C 226 19.45 -4.34 -7.30
N GLU C 227 18.93 -3.51 -8.20
CA GLU C 227 17.48 -3.33 -8.27
C GLU C 227 16.77 -4.66 -8.50
N TRP C 228 17.47 -5.66 -9.03
CA TRP C 228 16.93 -7.02 -9.04
C TRP C 228 16.41 -7.41 -7.67
N GLY C 229 17.25 -7.28 -6.65
CA GLY C 229 16.86 -7.68 -5.31
C GLY C 229 15.73 -6.83 -4.75
N ARG C 230 15.75 -5.52 -5.05
CA ARG C 230 14.64 -4.66 -4.64
C ARG C 230 13.33 -5.20 -5.18
N ALA C 231 13.29 -5.53 -6.48
CA ALA C 231 12.06 -6.02 -7.08
C ALA C 231 11.58 -7.30 -6.39
N PHE C 232 12.51 -8.15 -5.96
CA PHE C 232 12.14 -9.40 -5.31
C PHE C 232 11.72 -9.17 -3.86
N PHE C 233 12.41 -8.29 -3.15
CA PHE C 233 12.09 -8.03 -1.75
C PHE C 233 10.79 -7.24 -1.63
N GLU C 234 10.60 -6.26 -2.50
CA GLU C 234 9.41 -5.42 -2.45
C GLU C 234 8.19 -6.06 -3.07
N GLY C 235 8.34 -7.23 -3.69
CA GLY C 235 7.21 -7.91 -4.27
C GLY C 235 6.73 -7.34 -5.59
N THR C 236 7.60 -6.67 -6.33
CA THR C 236 7.23 -6.06 -7.60
C THR C 236 7.69 -6.84 -8.83
N VAL C 237 8.61 -7.80 -8.66
CA VAL C 237 9.13 -8.53 -9.81
C VAL C 237 8.07 -9.46 -10.39
N ALA C 238 7.24 -10.05 -9.54
CA ALA C 238 6.26 -11.04 -9.99
C ALA C 238 4.82 -10.62 -9.69
N LEU C 239 4.60 -9.34 -9.38
CA LEU C 239 3.24 -8.87 -9.09
C LEU C 239 2.29 -9.23 -10.21
N HIS C 240 2.71 -9.07 -11.47
CA HIS C 240 1.88 -9.39 -12.62
C HIS C 240 2.04 -10.83 -13.07
N CYS C 241 2.68 -11.68 -12.27
CA CYS C 241 2.94 -13.07 -12.65
C CYS C 241 2.88 -13.95 -11.41
N PRO C 242 1.69 -14.13 -10.86
CA PRO C 242 1.55 -15.08 -9.74
C PRO C 242 1.98 -16.48 -10.17
N HIS C 243 2.71 -17.16 -9.28
CA HIS C 243 3.32 -18.43 -9.66
C HIS C 243 2.30 -19.55 -9.75
N ASP C 244 1.24 -19.50 -8.95
CA ASP C 244 0.23 -20.56 -9.03
C ASP C 244 -0.51 -20.51 -10.36
N ARG C 245 -0.70 -19.32 -10.94
CA ARG C 245 -1.33 -19.20 -12.23
C ARG C 245 -0.37 -19.55 -13.37
N MET C 246 0.86 -19.05 -13.27
CA MET C 246 1.87 -19.35 -14.29
C MET C 246 2.02 -20.85 -14.47
N LEU C 247 2.24 -21.59 -13.37
CA LEU C 247 2.39 -23.03 -13.46
C LEU C 247 1.16 -23.68 -14.09
N SER C 248 -0.03 -23.15 -13.79
CA SER C 248 -1.24 -23.71 -14.38
C SER C 248 -1.30 -23.50 -15.89
N GLN C 249 -0.52 -22.55 -16.42
CA GLN C 249 -0.57 -22.19 -17.82
C GLN C 249 0.58 -22.77 -18.63
N VAL C 250 1.39 -23.64 -18.02
CA VAL C 250 2.47 -24.25 -18.79
C VAL C 250 1.88 -25.10 -19.91
N LYS C 251 2.58 -25.13 -21.04
CA LYS C 251 2.11 -25.82 -22.23
C LYS C 251 3.12 -26.82 -22.76
N THR C 252 4.32 -26.90 -22.18
CA THR C 252 5.33 -27.87 -22.58
C THR C 252 5.64 -28.80 -21.41
N PRO C 253 6.42 -29.86 -21.63
CA PRO C 253 6.85 -30.69 -20.50
C PRO C 253 7.89 -29.96 -19.66
N ILE C 254 7.89 -30.26 -18.36
CA ILE C 254 8.74 -29.57 -17.40
C ILE C 254 9.45 -30.60 -16.52
N LEU C 255 10.71 -30.32 -16.18
CA LEU C 255 11.47 -31.10 -15.22
C LEU C 255 11.87 -30.19 -14.06
N ILE C 256 11.53 -30.60 -12.84
CA ILE C 256 11.87 -29.86 -11.63
C ILE C 256 12.97 -30.64 -10.90
N THR C 257 14.08 -29.97 -10.62
CA THR C 257 15.11 -30.50 -9.75
C THR C 257 15.05 -29.74 -8.42
N HIS C 258 15.19 -30.48 -7.33
CA HIS C 258 15.04 -29.94 -5.98
C HIS C 258 16.31 -30.23 -5.20
N HIS C 259 17.14 -29.20 -5.01
CA HIS C 259 18.44 -29.39 -4.38
C HIS C 259 18.32 -29.23 -2.86
N ALA C 260 19.40 -28.81 -2.20
CA ALA C 260 19.39 -28.69 -0.75
C ALA C 260 18.31 -27.71 -0.31
N ARG C 261 17.58 -28.09 0.74
CA ARG C 261 16.60 -27.21 1.37
C ARG C 261 16.39 -27.68 2.80
N THR C 262 16.23 -26.72 3.71
CA THR C 262 15.94 -27.01 5.10
C THR C 262 15.09 -25.89 5.67
N ILE C 263 14.26 -26.25 6.65
CA ILE C 263 13.47 -25.29 7.42
C ILE C 263 14.12 -25.18 8.79
N ASP C 264 14.63 -24.00 9.11
CA ASP C 264 15.25 -23.80 10.42
C ASP C 264 14.23 -24.04 11.52
N PRO C 265 14.57 -24.79 12.57
CA PRO C 265 13.58 -25.08 13.61
C PRO C 265 13.31 -23.93 14.57
N GLU C 266 14.25 -22.98 14.71
CA GLU C 266 14.02 -21.82 15.56
C GLU C 266 13.21 -20.74 14.86
N THR C 267 13.70 -20.31 13.69
CA THR C 267 13.09 -19.21 12.95
C THR C 267 12.07 -19.68 11.92
N GLY C 268 12.08 -20.96 11.57
CA GLY C 268 11.20 -21.43 10.51
C GLY C 268 11.58 -20.94 9.14
N GLU C 269 12.79 -20.42 8.97
CA GLU C 269 13.22 -19.85 7.70
C GLU C 269 13.53 -20.96 6.70
N LEU C 270 13.15 -20.72 5.44
CA LEU C 270 13.48 -21.64 4.36
C LEU C 270 14.91 -21.36 3.90
N LEU C 271 15.80 -22.33 4.12
CA LEU C 271 17.18 -22.25 3.63
C LEU C 271 17.25 -23.15 2.40
N GLY C 272 17.01 -22.55 1.25
CA GLY C 272 16.97 -23.29 0.01
C GLY C 272 16.04 -22.60 -0.97
N ALA C 273 15.99 -23.17 -2.17
CA ALA C 273 15.16 -22.58 -3.22
C ALA C 273 13.68 -22.67 -2.86
N LEU C 274 13.19 -23.88 -2.56
CA LEU C 274 11.78 -24.06 -2.22
C LEU C 274 11.63 -25.23 -1.27
N SER C 275 10.48 -25.29 -0.62
CA SER C 275 10.21 -26.32 0.38
C SER C 275 9.59 -27.54 -0.28
N ASP C 276 9.59 -28.65 0.46
CA ASP C 276 8.96 -29.87 -0.03
C ASP C 276 7.48 -29.63 -0.32
N LEU C 277 6.82 -28.81 0.52
CA LEU C 277 5.41 -28.51 0.29
C LEU C 277 5.23 -27.66 -0.97
N GLN C 278 6.02 -26.60 -1.11
CA GLN C 278 5.92 -25.77 -2.30
C GLN C 278 6.21 -26.57 -3.56
N ALA C 279 7.18 -27.48 -3.49
CA ALA C 279 7.51 -28.29 -4.66
C ALA C 279 6.39 -29.26 -4.99
N GLU C 280 5.80 -29.90 -3.99
CA GLU C 280 4.69 -30.81 -4.24
C GLU C 280 3.51 -30.08 -4.85
N HIS C 281 3.28 -28.82 -4.44
CA HIS C 281 2.19 -28.04 -5.03
C HIS C 281 2.51 -27.66 -6.47
N ALA C 282 3.76 -27.33 -6.76
CA ALA C 282 4.13 -27.03 -8.13
C ALA C 282 3.96 -28.25 -9.04
N GLN C 283 4.18 -29.45 -8.50
CA GLN C 283 3.91 -30.65 -9.30
C GLN C 283 2.42 -30.86 -9.50
N ASP C 284 1.62 -30.57 -8.48
CA ASP C 284 0.17 -30.76 -8.59
C ASP C 284 -0.43 -29.81 -9.63
N ILE C 285 0.02 -28.55 -9.63
CA ILE C 285 -0.54 -27.59 -10.57
C ILE C 285 -0.17 -27.95 -12.00
N ILE C 286 1.08 -28.36 -12.22
CA ILE C 286 1.52 -28.74 -13.56
C ILE C 286 0.77 -29.98 -14.03
N ARG C 287 0.71 -31.02 -13.20
CA ARG C 287 -0.02 -32.22 -13.55
C ARG C 287 -1.46 -31.90 -13.96
N SER C 288 -2.14 -31.07 -13.15
CA SER C 288 -3.51 -30.69 -13.49
C SER C 288 -3.59 -29.91 -14.79
N ALA C 289 -2.49 -29.28 -15.21
CA ALA C 289 -2.50 -28.59 -16.49
C ALA C 289 -2.49 -29.54 -17.68
N GLY C 290 -2.25 -30.82 -17.45
CA GLY C 290 -2.24 -31.80 -18.52
C GLY C 290 -0.93 -31.92 -19.26
N VAL C 291 0.19 -31.57 -18.63
CA VAL C 291 1.50 -31.67 -19.25
C VAL C 291 2.36 -32.61 -18.42
N ARG C 292 3.33 -33.23 -19.08
CA ARG C 292 4.27 -34.11 -18.40
C ARG C 292 5.12 -33.31 -17.43
N VAL C 293 5.24 -33.80 -16.20
CA VAL C 293 6.10 -33.19 -15.20
C VAL C 293 6.98 -34.29 -14.60
N ASP C 294 8.27 -34.00 -14.48
CA ASP C 294 9.22 -34.89 -13.84
C ASP C 294 9.84 -34.17 -12.64
N TYR C 295 10.13 -34.93 -11.59
CA TYR C 295 10.61 -34.37 -10.33
C TYR C 295 11.81 -35.19 -9.85
N GLN C 296 12.93 -34.52 -9.63
CA GLN C 296 14.17 -35.15 -9.16
C GLN C 296 14.64 -34.44 -7.90
N SER C 297 14.67 -35.15 -6.79
CA SER C 297 15.14 -34.60 -5.53
C SER C 297 16.62 -34.94 -5.37
N HIS C 298 17.46 -33.91 -5.20
CA HIS C 298 18.88 -34.06 -4.95
C HIS C 298 19.22 -33.28 -3.69
N PRO C 299 18.82 -33.80 -2.51
CA PRO C 299 18.86 -32.98 -1.29
C PRO C 299 20.24 -32.60 -0.82
N ASP C 300 21.30 -33.23 -1.33
CA ASP C 300 22.66 -32.88 -0.94
C ASP C 300 23.38 -32.09 -2.03
N ALA C 301 22.70 -31.76 -3.12
CA ALA C 301 23.30 -30.94 -4.15
C ALA C 301 23.25 -29.47 -3.77
N LEU C 302 24.26 -28.72 -4.21
CA LEU C 302 24.25 -27.29 -3.99
C LEU C 302 23.22 -26.61 -4.89
N HIS C 303 22.90 -25.36 -4.56
CA HIS C 303 21.90 -24.62 -5.32
C HIS C 303 22.30 -24.54 -6.79
N MET C 304 23.55 -24.18 -7.07
CA MET C 304 24.04 -24.08 -8.45
C MET C 304 24.78 -25.38 -8.79
N MET C 305 24.00 -26.41 -9.12
CA MET C 305 24.61 -27.68 -9.50
C MET C 305 25.33 -27.55 -10.84
N HIS C 306 24.73 -26.84 -11.80
CA HIS C 306 25.35 -26.68 -13.11
C HIS C 306 26.73 -26.04 -13.01
N LEU C 307 27.03 -25.36 -11.92
CA LEU C 307 28.34 -24.75 -11.71
C LEU C 307 29.27 -25.61 -10.85
N PHE C 308 28.74 -26.19 -9.76
CA PHE C 308 29.55 -26.92 -8.81
C PHE C 308 29.58 -28.43 -9.06
N ASP C 309 28.71 -28.95 -9.92
CA ASP C 309 28.72 -30.35 -10.32
C ASP C 309 28.31 -30.45 -11.78
N PRO C 310 29.08 -29.86 -12.69
CA PRO C 310 28.66 -29.77 -14.09
C PRO C 310 28.40 -31.11 -14.74
N ALA C 311 29.14 -32.16 -14.34
CA ALA C 311 28.89 -33.48 -14.89
C ALA C 311 27.49 -33.98 -14.51
N ARG C 312 27.10 -33.77 -13.24
CA ARG C 312 25.78 -34.20 -12.81
C ARG C 312 24.69 -33.45 -13.56
N TYR C 313 24.83 -32.14 -13.69
CA TYR C 313 23.82 -31.33 -14.35
C TYR C 313 23.68 -31.72 -15.82
N ALA C 314 24.80 -31.90 -16.51
CA ALA C 314 24.75 -32.23 -17.93
C ALA C 314 24.10 -33.60 -18.16
N GLU C 315 24.39 -34.56 -17.28
CA GLU C 315 23.78 -35.88 -17.44
C GLU C 315 22.27 -35.84 -17.18
N ILE C 316 21.83 -35.07 -16.18
CA ILE C 316 20.41 -34.95 -15.91
C ILE C 316 19.71 -34.32 -17.11
N LEU C 317 20.28 -33.25 -17.65
CA LEU C 317 19.66 -32.57 -18.78
C LEU C 317 19.68 -33.46 -20.02
N THR C 318 20.84 -34.01 -20.35
CA THR C 318 20.95 -34.84 -21.56
C THR C 318 20.04 -36.06 -21.46
N SER C 319 20.08 -36.75 -20.32
CA SER C 319 19.22 -37.91 -20.12
C SER C 319 17.74 -37.55 -20.26
N TRP C 320 17.31 -36.53 -19.50
CA TRP C 320 15.91 -36.11 -19.57
C TRP C 320 15.56 -35.63 -20.96
N SER C 321 16.44 -34.85 -21.60
CA SER C 321 16.18 -34.37 -22.95
C SER C 321 15.94 -35.53 -23.90
N ALA C 322 16.69 -36.61 -23.74
CA ALA C 322 16.54 -37.78 -24.60
C ALA C 322 15.13 -38.35 -24.56
N THR C 323 14.37 -38.09 -23.50
CA THR C 323 13.02 -38.62 -23.34
C THR C 323 11.95 -37.69 -23.90
N LEU C 324 12.33 -36.61 -24.59
CA LEU C 324 11.35 -35.69 -25.13
C LEU C 324 10.93 -36.11 -26.53
N PRO C 325 9.68 -35.79 -26.92
CA PRO C 325 9.24 -36.12 -28.27
C PRO C 325 10.05 -35.40 -29.34
N ALA C 326 10.00 -35.93 -30.55
CA ALA C 326 10.70 -35.34 -31.69
C ALA C 326 12.18 -35.17 -31.39
N ASN D 25 -20.21 -15.21 -24.08
CA ASN D 25 -20.25 -14.79 -25.48
C ASN D 25 -21.43 -13.85 -25.75
N ILE D 26 -21.16 -12.55 -25.67
CA ILE D 26 -22.15 -11.50 -25.90
C ILE D 26 -21.81 -10.68 -27.14
N PHE D 27 -21.06 -11.25 -28.08
CA PHE D 27 -20.50 -10.49 -29.18
C PHE D 27 -21.53 -10.28 -30.28
N VAL D 28 -21.30 -9.25 -31.09
CA VAL D 28 -22.22 -8.84 -32.13
C VAL D 28 -21.49 -8.88 -33.48
N SER D 29 -22.27 -8.72 -34.55
CA SER D 29 -21.73 -8.70 -35.90
C SER D 29 -21.15 -7.32 -36.19
N HIS D 30 -20.33 -7.26 -37.24
CA HIS D 30 -19.66 -6.03 -37.64
C HIS D 30 -19.41 -6.05 -39.15
N ARG D 31 -19.03 -4.89 -39.67
CA ARG D 31 -18.89 -4.70 -41.11
C ARG D 31 -17.58 -5.21 -41.67
N PHE D 32 -16.65 -5.65 -40.82
CA PHE D 32 -15.40 -6.23 -41.27
C PHE D 32 -15.21 -7.62 -40.67
N PRO D 33 -14.50 -8.51 -41.37
CA PRO D 33 -14.34 -9.88 -40.86
C PRO D 33 -13.33 -9.95 -39.71
N GLU D 34 -13.71 -10.68 -38.68
CA GLU D 34 -12.87 -10.86 -37.49
C GLU D 34 -12.16 -12.19 -37.56
N ARG D 35 -10.89 -12.19 -37.16
CA ARG D 35 -10.05 -13.39 -37.15
C ARG D 35 -9.16 -13.36 -35.93
N GLN D 36 -8.84 -14.56 -35.42
CA GLN D 36 -8.12 -14.70 -34.16
C GLN D 36 -6.78 -15.39 -34.37
N VAL D 37 -5.75 -14.89 -33.70
CA VAL D 37 -4.40 -15.44 -33.79
C VAL D 37 -3.90 -15.73 -32.38
N ASP D 38 -3.24 -16.87 -32.23
CA ASP D 38 -2.69 -17.27 -30.93
C ASP D 38 -1.30 -16.65 -30.78
N LEU D 39 -1.16 -15.74 -29.82
CA LEU D 39 0.12 -15.07 -29.56
C LEU D 39 0.98 -15.80 -28.54
N GLY D 40 0.50 -16.91 -27.99
CA GLY D 40 1.22 -17.60 -26.93
C GLY D 40 0.38 -17.73 -25.68
N GLU D 41 0.07 -16.59 -25.07
CA GLU D 41 -0.82 -16.53 -23.91
C GLU D 41 -2.18 -15.95 -24.25
N VAL D 42 -2.22 -14.86 -25.03
CA VAL D 42 -3.46 -14.19 -25.40
C VAL D 42 -3.75 -14.50 -26.86
N VAL D 43 -4.96 -15.01 -27.12
CA VAL D 43 -5.44 -15.20 -28.48
C VAL D 43 -6.12 -13.90 -28.92
N MET D 44 -5.47 -13.16 -29.80
CA MET D 44 -5.88 -11.80 -30.13
C MET D 44 -6.86 -11.82 -31.30
N ASN D 45 -8.04 -11.26 -31.08
CA ASN D 45 -8.99 -11.02 -32.16
C ASN D 45 -8.68 -9.69 -32.82
N PHE D 46 -8.86 -9.63 -34.14
CA PHE D 46 -8.52 -8.42 -34.88
C PHE D 46 -9.36 -8.36 -36.16
N ALA D 47 -9.61 -7.14 -36.61
CA ALA D 47 -10.29 -6.90 -37.87
C ALA D 47 -9.30 -6.37 -38.89
N GLU D 48 -9.46 -6.80 -40.14
CA GLU D 48 -8.59 -6.39 -41.24
C GLU D 48 -9.40 -5.70 -42.31
N ALA D 49 -8.80 -4.71 -42.95
CA ALA D 49 -9.49 -3.93 -43.98
C ALA D 49 -8.45 -3.38 -44.96
N GLY D 50 -8.92 -3.13 -46.19
CA GLY D 50 -8.06 -2.59 -47.23
C GLY D 50 -7.27 -3.69 -47.92
N SER D 51 -6.41 -3.26 -48.85
CA SER D 51 -5.56 -4.19 -49.60
C SER D 51 -4.11 -4.08 -49.12
N PRO D 52 -3.33 -5.16 -49.21
CA PRO D 52 -1.94 -5.13 -48.74
C PRO D 52 -0.99 -4.34 -49.63
N ASP D 53 -1.46 -3.77 -50.75
CA ASP D 53 -0.63 -2.90 -51.57
C ASP D 53 -0.45 -1.51 -50.97
N ASN D 54 -1.06 -1.25 -49.82
CA ASN D 54 -0.91 0.01 -49.10
C ASN D 54 -0.05 -0.20 -47.85
N PRO D 55 0.43 0.89 -47.24
CA PRO D 55 1.21 0.74 -46.00
C PRO D 55 0.37 0.18 -44.86
N ALA D 56 1.01 -0.61 -44.01
CA ALA D 56 0.33 -1.25 -42.90
C ALA D 56 0.04 -0.25 -41.79
N LEU D 57 -1.13 -0.40 -41.17
CA LEU D 57 -1.59 0.54 -40.14
C LEU D 57 -2.25 -0.24 -39.02
N LEU D 58 -1.73 -0.05 -37.79
CA LEU D 58 -2.20 -0.77 -36.62
C LEU D 58 -2.96 0.20 -35.72
N LEU D 59 -4.20 -0.13 -35.41
CA LEU D 59 -5.08 0.70 -34.59
C LEU D 59 -5.33 0.03 -33.25
N LEU D 60 -5.14 0.79 -32.17
CA LEU D 60 -5.30 0.29 -30.81
C LEU D 60 -6.41 1.08 -30.12
N PRO D 61 -7.49 0.44 -29.66
CA PRO D 61 -8.62 1.21 -29.13
C PRO D 61 -8.33 1.75 -27.74
N GLU D 62 -9.24 2.62 -27.30
CA GLU D 62 -9.20 3.16 -25.95
C GLU D 62 -9.59 2.08 -24.94
N GLN D 63 -9.31 2.34 -23.67
CA GLN D 63 -9.78 1.46 -22.61
C GLN D 63 -11.30 1.37 -22.68
N THR D 64 -11.81 0.15 -22.55
CA THR D 64 -13.22 -0.22 -22.65
C THR D 64 -13.69 -0.25 -24.11
N GLY D 65 -12.82 0.00 -25.09
CA GLY D 65 -13.19 0.01 -26.49
C GLY D 65 -12.59 -1.19 -27.21
N SER D 66 -13.42 -1.84 -28.02
CA SER D 66 -12.97 -2.94 -28.85
C SER D 66 -12.44 -2.41 -30.18
N TRP D 67 -11.95 -3.32 -31.02
CA TRP D 67 -11.44 -2.92 -32.33
C TRP D 67 -12.47 -2.12 -33.12
N TRP D 68 -13.76 -2.41 -32.94
CA TRP D 68 -14.80 -1.75 -33.71
C TRP D 68 -15.08 -0.33 -33.21
N SER D 69 -14.29 0.17 -32.26
CA SER D 69 -14.24 1.62 -32.06
C SER D 69 -13.80 2.31 -33.34
N TYR D 70 -12.90 1.69 -34.09
CA TYR D 70 -12.40 2.23 -35.34
C TYR D 70 -13.24 1.81 -36.54
N GLU D 71 -14.23 0.95 -36.34
CA GLU D 71 -15.02 0.45 -37.45
C GLU D 71 -15.58 1.55 -38.35
N PRO D 72 -16.12 2.66 -37.82
CA PRO D 72 -16.61 3.71 -38.72
C PRO D 72 -15.50 4.37 -39.53
N VAL D 73 -14.27 4.43 -39.01
CA VAL D 73 -13.18 5.11 -39.70
C VAL D 73 -12.31 4.18 -40.53
N MET D 74 -12.44 2.86 -40.35
CA MET D 74 -11.59 1.93 -41.10
C MET D 74 -11.87 2.02 -42.60
N GLY D 75 -13.13 2.26 -42.97
CA GLY D 75 -13.46 2.40 -44.38
C GLY D 75 -12.67 3.51 -45.05
N LEU D 76 -12.68 4.70 -44.45
CA LEU D 76 -11.89 5.81 -44.98
C LEU D 76 -10.41 5.44 -45.06
N LEU D 77 -9.86 4.94 -43.95
CA LEU D 77 -8.43 4.61 -43.90
C LEU D 77 -8.07 3.45 -44.83
N ALA D 78 -9.04 2.61 -45.19
CA ALA D 78 -8.74 1.45 -46.03
C ALA D 78 -8.37 1.84 -47.45
N GLU D 79 -8.74 3.05 -47.89
CA GLU D 79 -8.37 3.48 -49.24
C GLU D 79 -6.87 3.68 -49.37
N ASN D 80 -6.19 4.01 -48.26
CA ASN D 80 -4.78 4.35 -48.29
C ASN D 80 -3.95 3.57 -47.29
N PHE D 81 -4.53 2.56 -46.64
CA PHE D 81 -3.80 1.78 -45.66
C PHE D 81 -4.28 0.34 -45.69
N HIS D 82 -3.38 -0.57 -45.32
CA HIS D 82 -3.74 -1.95 -44.99
C HIS D 82 -3.97 -1.97 -43.49
N VAL D 83 -5.24 -1.95 -43.08
CA VAL D 83 -5.63 -1.61 -41.72
C VAL D 83 -5.78 -2.86 -40.87
N PHE D 84 -5.20 -2.83 -39.67
CA PHE D 84 -5.37 -3.87 -38.66
C PHE D 84 -5.88 -3.22 -37.39
N ALA D 85 -7.07 -3.62 -36.94
CA ALA D 85 -7.64 -3.14 -35.69
C ALA D 85 -7.81 -4.34 -34.76
N VAL D 86 -7.29 -4.22 -33.54
CA VAL D 86 -7.17 -5.37 -32.65
C VAL D 86 -7.97 -5.14 -31.38
N ASP D 87 -8.30 -6.26 -30.73
CA ASP D 87 -8.88 -6.28 -29.39
C ASP D 87 -7.74 -6.51 -28.40
N ILE D 88 -7.38 -5.50 -27.63
CA ILE D 88 -6.27 -5.63 -26.70
C ILE D 88 -6.65 -6.61 -25.59
N ARG D 89 -5.64 -7.31 -25.07
CA ARG D 89 -5.81 -8.21 -23.95
C ARG D 89 -6.81 -7.63 -22.94
N GLY D 90 -7.79 -8.44 -22.56
CA GLY D 90 -8.81 -8.02 -21.63
C GLY D 90 -9.97 -7.26 -22.25
N GLN D 91 -10.09 -7.26 -23.58
CA GLN D 91 -11.13 -6.53 -24.27
C GLN D 91 -11.65 -7.34 -25.44
N GLY D 92 -12.94 -7.19 -25.71
CA GLY D 92 -13.52 -7.83 -26.88
C GLY D 92 -13.35 -9.33 -26.86
N ARG D 93 -13.12 -9.91 -28.03
CA ARG D 93 -12.95 -11.34 -28.17
C ARG D 93 -11.55 -11.81 -27.82
N SER D 94 -10.63 -10.90 -27.52
CA SER D 94 -9.30 -11.28 -27.11
C SER D 94 -9.34 -11.87 -25.70
N THR D 95 -8.31 -12.65 -25.38
CA THR D 95 -8.29 -13.36 -24.11
C THR D 95 -8.27 -12.39 -22.94
N TRP D 96 -9.14 -12.64 -21.97
CA TRP D 96 -9.06 -11.98 -20.67
C TRP D 96 -8.00 -12.68 -19.82
N THR D 97 -7.11 -11.90 -19.21
CA THR D 97 -5.99 -12.44 -18.43
C THR D 97 -6.02 -11.82 -17.04
N PRO D 98 -6.74 -12.44 -16.10
CA PRO D 98 -6.81 -11.86 -14.75
C PRO D 98 -5.43 -11.78 -14.10
N ARG D 99 -5.18 -10.66 -13.42
CA ARG D 99 -3.98 -10.41 -12.63
C ARG D 99 -2.72 -10.23 -13.46
N ARG D 100 -2.82 -10.22 -14.79
CA ARG D 100 -1.67 -10.03 -15.65
C ARG D 100 -1.82 -8.81 -16.56
N TYR D 101 -2.49 -7.77 -16.07
CA TYR D 101 -2.78 -6.58 -16.88
C TYR D 101 -1.70 -5.54 -16.61
N SER D 102 -0.74 -5.43 -17.53
CA SER D 102 0.31 -4.43 -17.43
C SER D 102 0.56 -3.83 -18.80
N LEU D 103 1.07 -2.60 -18.82
CA LEU D 103 1.38 -1.97 -20.09
C LEU D 103 2.39 -2.78 -20.89
N ASP D 104 3.36 -3.38 -20.20
CA ASP D 104 4.34 -4.22 -20.89
C ASP D 104 3.67 -5.46 -21.49
N ASN D 105 2.77 -6.09 -20.73
CA ASN D 105 2.06 -7.25 -21.27
C ASN D 105 1.17 -6.85 -22.45
N PHE D 106 0.47 -5.72 -22.34
CA PHE D 106 -0.30 -5.21 -23.47
C PHE D 106 0.61 -4.99 -24.68
N GLY D 107 1.75 -4.32 -24.46
CA GLY D 107 2.62 -3.97 -25.57
C GLY D 107 3.27 -5.18 -26.21
N ASN D 108 3.81 -6.08 -25.38
CA ASN D 108 4.46 -7.28 -25.93
C ASN D 108 3.48 -8.15 -26.67
N ASP D 109 2.20 -8.13 -26.28
CA ASP D 109 1.19 -8.79 -27.09
C ASP D 109 1.14 -8.18 -28.49
N LEU D 110 1.15 -6.86 -28.57
CA LEU D 110 1.09 -6.19 -29.87
C LEU D 110 2.38 -6.40 -30.66
N VAL D 111 3.51 -6.59 -29.97
CA VAL D 111 4.76 -6.89 -30.66
C VAL D 111 4.66 -8.25 -31.34
N ARG D 112 4.17 -9.26 -30.62
CA ARG D 112 3.98 -10.58 -31.21
C ARG D 112 2.98 -10.54 -32.36
N PHE D 113 1.94 -9.71 -32.23
CA PHE D 113 0.95 -9.58 -33.32
C PHE D 113 1.62 -9.08 -34.59
N ILE D 114 2.41 -8.01 -34.48
CA ILE D 114 3.11 -7.49 -35.65
C ILE D 114 3.97 -8.58 -36.28
N ALA D 115 4.71 -9.31 -35.45
CA ALA D 115 5.64 -10.31 -35.97
C ALA D 115 4.92 -11.51 -36.56
N LEU D 116 3.72 -11.82 -36.08
CA LEU D 116 3.01 -13.03 -36.46
C LEU D 116 1.97 -12.81 -37.54
N VAL D 117 1.28 -11.69 -37.55
CA VAL D 117 0.20 -11.46 -38.49
C VAL D 117 0.61 -10.50 -39.58
N ILE D 118 1.03 -9.28 -39.22
CA ILE D 118 1.32 -8.25 -40.19
C ILE D 118 2.64 -8.53 -40.90
N LYS D 119 3.71 -8.74 -40.12
CA LYS D 119 5.01 -9.13 -40.67
C LYS D 119 5.63 -8.02 -41.53
N ARG D 120 5.26 -6.77 -41.26
CA ARG D 120 5.78 -5.61 -41.95
C ARG D 120 5.93 -4.46 -40.95
N PRO D 121 6.73 -3.45 -41.29
CA PRO D 121 6.71 -2.23 -40.48
C PRO D 121 5.34 -1.58 -40.56
N VAL D 122 4.86 -1.08 -39.44
CA VAL D 122 3.52 -0.52 -39.34
C VAL D 122 3.61 0.89 -38.76
N VAL D 123 2.67 1.73 -39.18
CA VAL D 123 2.34 2.96 -38.45
C VAL D 123 1.28 2.56 -37.44
N VAL D 124 1.54 2.86 -36.17
CA VAL D 124 0.63 2.51 -35.08
C VAL D 124 -0.03 3.79 -34.60
N ALA D 125 -1.35 3.74 -34.42
CA ALA D 125 -2.13 4.87 -33.94
C ALA D 125 -3.08 4.35 -32.87
N GLY D 126 -3.01 4.93 -31.68
CA GLY D 126 -3.84 4.48 -30.57
C GLY D 126 -4.50 5.66 -29.89
N ASN D 127 -5.71 5.40 -29.40
CA ASN D 127 -6.51 6.41 -28.71
C ASN D 127 -6.37 6.18 -27.21
N SER D 128 -5.91 7.22 -26.50
CA SER D 128 -5.86 7.24 -25.04
C SER D 128 -4.94 6.11 -24.58
N SER D 129 -5.43 5.11 -23.84
CA SER D 129 -4.57 4.01 -23.46
C SER D 129 -3.86 3.40 -24.68
N GLY D 130 -4.58 3.31 -25.80
CA GLY D 130 -3.93 2.88 -27.03
C GLY D 130 -2.78 3.79 -27.43
N GLY D 131 -2.99 5.10 -27.30
CA GLY D 131 -1.91 6.03 -27.57
C GLY D 131 -0.70 5.79 -26.68
N LEU D 132 -0.93 5.48 -25.41
CA LEU D 132 0.17 5.10 -24.54
C LEU D 132 0.90 3.88 -25.08
N LEU D 133 0.13 2.91 -25.59
CA LEU D 133 0.74 1.69 -26.12
C LEU D 133 1.44 1.95 -27.44
N ALA D 134 0.95 2.90 -28.23
CA ALA D 134 1.64 3.29 -29.45
C ALA D 134 3.01 3.88 -29.14
N ALA D 135 3.08 4.73 -28.11
CA ALA D 135 4.37 5.24 -27.64
C ALA D 135 5.20 4.15 -26.97
N TRP D 136 4.54 3.20 -26.31
CA TRP D 136 5.25 2.05 -25.77
C TRP D 136 5.97 1.29 -26.88
N LEU D 137 5.26 1.00 -27.97
CA LEU D 137 5.86 0.28 -29.08
C LEU D 137 7.01 1.09 -29.69
N SER D 138 6.80 2.40 -29.87
CA SER D 138 7.86 3.24 -30.42
C SER D 138 9.13 3.17 -29.57
N ALA D 139 9.00 2.78 -28.30
CA ALA D 139 10.14 2.75 -27.38
C ALA D 139 10.65 1.34 -27.12
N TYR D 140 9.77 0.36 -27.01
CA TYR D 140 10.13 -0.96 -26.51
C TYR D 140 9.81 -2.10 -27.49
N ALA D 141 9.34 -1.79 -28.69
CA ALA D 141 9.05 -2.83 -29.66
C ALA D 141 10.34 -3.39 -30.24
N MET D 142 10.20 -4.43 -31.05
CA MET D 142 11.35 -5.02 -31.73
C MET D 142 11.90 -4.06 -32.77
N PRO D 143 13.20 -4.08 -33.02
CA PRO D 143 13.78 -3.14 -33.99
C PRO D 143 13.10 -3.25 -35.34
N GLY D 144 12.76 -2.10 -35.91
CA GLY D 144 12.17 -2.03 -37.23
C GLY D 144 10.69 -2.35 -37.30
N GLN D 145 10.04 -2.63 -36.17
CA GLN D 145 8.63 -2.96 -36.20
C GLN D 145 7.76 -1.73 -36.39
N ILE D 146 8.19 -0.57 -35.91
CA ILE D 146 7.36 0.62 -35.88
C ILE D 146 8.02 1.69 -36.73
N ARG D 147 7.26 2.21 -37.70
CA ARG D 147 7.72 3.36 -38.47
C ARG D 147 7.47 4.66 -37.71
N ALA D 148 6.33 4.75 -37.03
CA ALA D 148 5.93 5.96 -36.31
C ALA D 148 4.70 5.62 -35.48
N ALA D 149 4.39 6.51 -34.53
CA ALA D 149 3.30 6.29 -33.60
C ALA D 149 2.45 7.55 -33.49
N LEU D 150 1.13 7.38 -33.58
CA LEU D 150 0.17 8.46 -33.37
C LEU D 150 -0.51 8.22 -32.04
N CYS D 151 -0.46 9.22 -31.16
CA CYS D 151 -0.99 9.13 -29.81
C CYS D 151 -2.20 10.07 -29.73
N GLU D 152 -3.38 9.52 -29.99
CA GLU D 152 -4.61 10.30 -30.04
C GLU D 152 -5.10 10.51 -28.61
N ASP D 153 -4.91 11.72 -28.09
CA ASP D 153 -5.37 12.09 -26.75
C ASP D 153 -4.90 11.06 -25.72
N ALA D 154 -3.60 10.80 -25.72
CA ALA D 154 -3.02 9.85 -24.78
C ALA D 154 -2.86 10.50 -23.41
N PRO D 155 -3.28 9.82 -22.32
CA PRO D 155 -3.16 10.43 -20.98
C PRO D 155 -1.77 10.22 -20.37
N PHE D 156 -0.76 10.83 -21.01
CA PHE D 156 0.59 10.79 -20.46
C PHE D 156 0.61 11.48 -19.10
N PHE D 157 1.14 10.78 -18.09
CA PHE D 157 1.18 11.25 -16.71
C PHE D 157 -0.19 11.19 -16.04
N ALA D 158 -1.21 11.79 -16.66
CA ALA D 158 -2.54 11.83 -16.08
C ALA D 158 -3.14 10.45 -15.82
N SER D 159 -2.56 9.38 -16.37
CA SER D 159 -3.00 8.03 -16.09
C SER D 159 -2.08 7.29 -15.12
N GLU D 160 -1.00 7.94 -14.67
CA GLU D 160 -0.14 7.36 -13.66
C GLU D 160 -0.65 7.68 -12.26
N LEU D 161 -0.35 6.80 -11.32
CA LEU D 161 -0.71 7.07 -9.92
C LEU D 161 0.19 8.15 -9.33
N VAL D 162 1.47 8.12 -9.65
CA VAL D 162 2.44 9.10 -9.15
C VAL D 162 3.13 9.73 -10.35
N PRO D 163 2.44 10.57 -11.13
CA PRO D 163 3.07 11.13 -12.33
C PRO D 163 4.24 12.03 -11.97
N ALA D 164 5.13 12.22 -12.94
CA ALA D 164 6.22 13.17 -12.79
C ALA D 164 5.75 14.61 -12.96
N TYR D 165 4.56 14.81 -13.52
CA TYR D 165 4.07 16.16 -13.79
C TYR D 165 2.55 16.16 -13.78
N GLY D 166 1.97 17.20 -13.18
CA GLY D 166 0.55 17.45 -13.30
C GLY D 166 -0.33 16.47 -12.54
N HIS D 167 -1.57 16.37 -13.02
CA HIS D 167 -2.57 15.56 -12.34
C HIS D 167 -2.23 14.08 -12.40
N SER D 168 -2.64 13.36 -11.36
CA SER D 168 -2.54 11.92 -11.32
C SER D 168 -3.87 11.29 -11.72
N VAL D 169 -3.86 9.97 -11.84
CA VAL D 169 -5.09 9.25 -12.20
C VAL D 169 -6.17 9.51 -11.16
N LEU D 170 -5.79 9.72 -9.90
CA LEU D 170 -6.77 9.94 -8.85
C LEU D 170 -7.50 11.26 -8.99
N GLN D 171 -6.92 12.23 -9.70
CA GLN D 171 -7.51 13.56 -9.87
C GLN D 171 -8.02 13.77 -11.30
N ALA D 172 -8.21 12.70 -12.06
CA ALA D 172 -8.66 12.81 -13.44
C ALA D 172 -9.73 11.77 -13.74
N ALA D 173 -9.35 10.66 -14.36
CA ALA D 173 -10.30 9.60 -14.72
C ALA D 173 -10.44 8.54 -13.64
N GLY D 174 -9.73 8.68 -12.52
CA GLY D 174 -9.71 7.70 -11.47
C GLY D 174 -11.09 7.27 -11.00
N PRO D 175 -11.93 8.24 -10.60
CA PRO D 175 -13.26 7.87 -10.08
C PRO D 175 -14.04 6.93 -10.99
N ALA D 176 -13.96 7.13 -12.31
CA ALA D 176 -14.65 6.22 -13.23
C ALA D 176 -14.08 4.81 -13.12
N PHE D 177 -12.75 4.68 -13.08
CA PHE D 177 -12.15 3.37 -12.94
C PHE D 177 -12.43 2.76 -11.57
N GLU D 178 -12.61 3.60 -10.55
CA GLU D 178 -12.88 3.10 -9.20
C GLU D 178 -14.26 2.45 -9.11
N LEU D 179 -15.26 3.01 -9.81
CA LEU D 179 -16.58 2.41 -9.84
C LEU D 179 -16.63 1.18 -10.76
N TYR D 180 -15.87 1.18 -11.87
CA TYR D 180 -15.73 -0.04 -12.65
C TYR D 180 -15.31 -1.20 -11.76
N ARG D 181 -14.38 -0.93 -10.84
CA ARG D 181 -13.89 -1.97 -9.93
C ARG D 181 -14.92 -2.30 -8.86
N ASP D 182 -15.46 -1.27 -8.19
CA ASP D 182 -16.29 -1.49 -7.01
C ASP D 182 -17.61 -2.16 -7.34
N PHE D 183 -18.19 -1.88 -8.52
CA PHE D 183 -19.51 -2.37 -8.87
C PHE D 183 -19.51 -3.42 -9.97
N LEU D 184 -18.67 -3.28 -11.00
CA LEU D 184 -18.63 -4.29 -12.04
C LEU D 184 -17.72 -5.45 -11.66
N GLY D 185 -16.54 -5.15 -11.12
CA GLY D 185 -15.66 -6.18 -10.59
C GLY D 185 -14.80 -6.83 -11.67
N ASP D 186 -13.68 -7.39 -11.21
CA ASP D 186 -12.76 -8.07 -12.12
C ASP D 186 -13.48 -9.17 -12.87
N GLN D 187 -13.37 -9.14 -14.21
CA GLN D 187 -14.03 -10.12 -15.08
C GLN D 187 -15.54 -10.16 -14.84
N TRP D 188 -16.12 -9.00 -14.53
CA TRP D 188 -17.56 -8.90 -14.28
C TRP D 188 -17.99 -9.86 -13.17
N SER D 189 -17.15 -9.96 -12.12
CA SER D 189 -17.48 -10.85 -11.02
C SER D 189 -18.67 -10.35 -10.22
N ILE D 190 -18.90 -9.05 -10.21
CA ILE D 190 -20.03 -8.45 -9.50
C ILE D 190 -21.15 -8.08 -10.46
N GLY D 191 -20.85 -7.30 -11.49
CA GLY D 191 -21.82 -6.98 -12.51
C GLY D 191 -22.98 -6.13 -12.05
N ASP D 192 -22.82 -5.38 -10.97
CA ASP D 192 -23.90 -4.53 -10.44
C ASP D 192 -23.96 -3.25 -11.28
N TRP D 193 -24.47 -3.43 -12.50
CA TRP D 193 -24.52 -2.31 -13.44
C TRP D 193 -25.46 -1.21 -12.94
N LYS D 194 -26.50 -1.58 -12.20
CA LYS D 194 -27.41 -0.58 -11.65
C LYS D 194 -26.70 0.26 -10.58
N GLY D 195 -26.01 -0.41 -9.65
CA GLY D 195 -25.26 0.31 -8.64
C GLY D 195 -24.15 1.15 -9.23
N PHE D 196 -23.55 0.70 -10.33
CA PHE D 196 -22.56 1.51 -11.02
C PHE D 196 -23.19 2.79 -11.54
N VAL D 197 -24.24 2.65 -12.34
CA VAL D 197 -24.91 3.83 -12.90
C VAL D 197 -25.38 4.74 -11.76
N GLU D 198 -25.99 4.14 -10.74
CA GLU D 198 -26.48 4.91 -9.60
C GLU D 198 -25.35 5.70 -8.95
N ALA D 199 -24.24 5.04 -8.65
CA ALA D 199 -23.14 5.72 -7.99
C ALA D 199 -22.49 6.76 -8.89
N ALA D 200 -22.52 6.56 -10.21
CA ALA D 200 -21.93 7.52 -11.13
C ALA D 200 -22.69 8.83 -11.13
N LYS D 201 -24.02 8.77 -11.12
CA LYS D 201 -24.82 9.99 -11.12
C LYS D 201 -24.60 10.78 -9.82
N ALA D 202 -24.50 10.08 -8.70
CA ALA D 202 -24.32 10.72 -7.41
C ALA D 202 -22.88 11.11 -7.12
N SER D 203 -21.93 10.65 -7.93
CA SER D 203 -20.53 10.97 -7.68
C SER D 203 -20.34 12.49 -7.64
N PRO D 204 -19.54 13.00 -6.70
CA PRO D 204 -19.21 14.44 -6.73
C PRO D 204 -18.21 14.82 -7.80
N ALA D 205 -17.62 13.85 -8.50
CA ALA D 205 -16.59 14.13 -9.48
C ALA D 205 -17.19 14.71 -10.75
N LYS D 206 -16.65 15.85 -11.19
CA LYS D 206 -17.09 16.46 -12.44
C LYS D 206 -16.58 15.71 -13.65
N ALA D 207 -15.56 14.87 -13.48
CA ALA D 207 -15.07 14.04 -14.58
C ALA D 207 -16.02 12.88 -14.88
N MET D 208 -16.82 12.46 -13.90
CA MET D 208 -17.86 11.47 -14.16
C MET D 208 -18.98 12.07 -14.99
N GLN D 209 -19.24 13.36 -14.81
CA GLN D 209 -20.27 14.06 -15.58
C GLN D 209 -20.07 13.87 -17.08
N LEU D 210 -21.18 13.76 -17.80
CA LEU D 210 -21.16 13.70 -19.26
C LEU D 210 -20.39 12.48 -19.77
N PHE D 211 -20.67 11.32 -19.16
CA PHE D 211 -20.03 10.08 -19.55
C PHE D 211 -21.00 8.93 -19.30
N PRO D 212 -20.86 7.82 -20.02
CA PRO D 212 -21.95 6.84 -20.09
C PRO D 212 -22.56 6.45 -18.75
N THR D 213 -23.85 6.71 -18.62
CA THR D 213 -24.66 6.18 -17.53
C THR D 213 -25.98 5.68 -18.07
N PRO D 214 -25.97 4.79 -19.08
CA PRO D 214 -27.22 4.28 -19.64
C PRO D 214 -27.85 3.22 -18.75
N ASP D 215 -29.10 2.88 -19.08
CA ASP D 215 -29.86 1.94 -18.26
C ASP D 215 -29.34 0.52 -18.39
N GLU D 216 -28.78 0.17 -19.55
CA GLU D 216 -28.21 -1.14 -19.79
C GLU D 216 -26.73 -1.00 -20.10
N ALA D 217 -25.95 -2.00 -19.72
CA ALA D 217 -24.52 -1.99 -20.01
C ALA D 217 -24.32 -1.94 -21.52
N PRO D 218 -23.57 -0.96 -22.03
CA PRO D 218 -23.27 -0.94 -23.47
C PRO D 218 -22.51 -2.17 -23.92
N GLN D 219 -22.52 -2.40 -25.23
CA GLN D 219 -21.85 -3.56 -25.79
C GLN D 219 -20.36 -3.54 -25.50
N ASN D 220 -19.72 -2.39 -25.71
CA ASN D 220 -18.28 -2.30 -25.49
C ASN D 220 -17.91 -2.65 -24.06
N LEU D 221 -18.74 -2.22 -23.09
CA LEU D 221 -18.42 -2.49 -21.68
C LEU D 221 -18.72 -3.93 -21.29
N LYS D 222 -19.68 -4.58 -21.95
CA LYS D 222 -19.89 -6.01 -21.75
C LYS D 222 -18.73 -6.84 -22.27
N GLU D 223 -17.97 -6.30 -23.22
CA GLU D 223 -16.77 -6.96 -23.74
C GLU D 223 -15.51 -6.57 -22.97
N TYR D 224 -15.65 -5.76 -21.92
CA TYR D 224 -14.53 -5.15 -21.23
C TYR D 224 -14.32 -5.81 -19.88
N ASP D 225 -13.05 -6.13 -19.56
CA ASP D 225 -12.69 -6.68 -18.27
C ASP D 225 -12.47 -5.54 -17.29
N PRO D 226 -13.32 -5.37 -16.27
CA PRO D 226 -13.17 -4.22 -15.37
C PRO D 226 -11.90 -4.25 -14.54
N GLU D 227 -11.11 -5.32 -14.59
CA GLU D 227 -9.80 -5.27 -13.95
C GLU D 227 -8.90 -4.25 -14.62
N TRP D 228 -9.17 -3.92 -15.89
CA TRP D 228 -8.49 -2.80 -16.52
C TRP D 228 -8.54 -1.56 -15.61
N GLY D 229 -9.75 -1.17 -15.21
CA GLY D 229 -9.90 0.01 -14.37
C GLY D 229 -9.20 -0.16 -13.03
N ARG D 230 -9.38 -1.32 -12.39
CA ARG D 230 -8.68 -1.59 -11.15
C ARG D 230 -7.19 -1.32 -11.30
N ALA D 231 -6.58 -1.83 -12.37
CA ALA D 231 -5.14 -1.67 -12.55
C ALA D 231 -4.75 -0.20 -12.67
N PHE D 232 -5.57 0.58 -13.37
CA PHE D 232 -5.26 2.00 -13.55
C PHE D 232 -5.48 2.77 -12.25
N PHE D 233 -6.53 2.42 -11.51
CA PHE D 233 -6.85 3.17 -10.28
C PHE D 233 -5.86 2.85 -9.17
N GLU D 234 -5.40 1.60 -9.10
CA GLU D 234 -4.46 1.19 -8.07
C GLU D 234 -3.01 1.42 -8.45
N GLY D 235 -2.74 2.01 -9.62
CA GLY D 235 -1.39 2.31 -10.04
C GLY D 235 -0.56 1.11 -10.41
N THR D 236 -1.18 -0.04 -10.67
CA THR D 236 -0.44 -1.25 -10.96
C THR D 236 -0.21 -1.47 -12.46
N VAL D 237 -0.99 -0.80 -13.32
CA VAL D 237 -0.91 -1.08 -14.75
C VAL D 237 0.39 -0.55 -15.34
N ALA D 238 0.87 0.60 -14.86
CA ALA D 238 2.09 1.22 -15.37
C ALA D 238 3.13 1.39 -14.28
N LEU D 239 3.15 0.46 -13.32
CA LEU D 239 4.17 0.50 -12.27
C LEU D 239 5.56 0.31 -12.87
N HIS D 240 5.70 -0.63 -13.78
CA HIS D 240 6.99 -0.93 -14.41
C HIS D 240 7.22 -0.12 -15.67
N CYS D 241 6.41 0.91 -15.92
CA CYS D 241 6.52 1.71 -17.14
C CYS D 241 6.29 3.17 -16.80
N PRO D 242 7.23 3.79 -16.08
CA PRO D 242 7.15 5.24 -15.86
C PRO D 242 7.08 5.98 -17.18
N HIS D 243 6.12 6.90 -17.28
CA HIS D 243 5.88 7.59 -18.55
C HIS D 243 7.04 8.51 -18.91
N ASP D 244 7.65 9.17 -17.92
CA ASP D 244 8.76 10.06 -18.23
C ASP D 244 9.96 9.29 -18.77
N ARG D 245 10.17 8.06 -18.31
CA ARG D 245 11.22 7.22 -18.88
C ARG D 245 10.81 6.65 -20.23
N MET D 246 9.58 6.13 -20.31
CA MET D 246 9.08 5.60 -21.58
C MET D 246 9.18 6.63 -22.69
N LEU D 247 8.77 7.87 -22.42
CA LEU D 247 8.85 8.91 -23.45
C LEU D 247 10.30 9.22 -23.78
N SER D 248 11.19 9.17 -22.79
CA SER D 248 12.61 9.38 -23.05
C SER D 248 13.21 8.30 -23.92
N GLN D 249 12.52 7.17 -24.11
CA GLN D 249 13.06 6.02 -24.82
C GLN D 249 12.44 5.81 -26.20
N VAL D 250 11.55 6.70 -26.65
CA VAL D 250 10.97 6.55 -27.97
C VAL D 250 12.06 6.61 -29.02
N LYS D 251 11.86 5.91 -30.13
CA LYS D 251 12.85 5.80 -31.20
C LYS D 251 12.30 6.11 -32.58
N THR D 252 11.05 6.50 -32.70
CA THR D 252 10.40 6.80 -33.96
C THR D 252 9.66 8.12 -33.85
N PRO D 253 9.35 8.76 -34.97
CA PRO D 253 8.55 9.99 -34.92
C PRO D 253 7.25 9.77 -34.16
N ILE D 254 6.85 10.78 -33.39
CA ILE D 254 5.65 10.74 -32.58
C ILE D 254 4.72 11.86 -33.01
N LEU D 255 3.43 11.57 -33.10
CA LEU D 255 2.40 12.58 -33.30
C LEU D 255 1.46 12.57 -32.10
N ILE D 256 1.33 13.70 -31.42
CA ILE D 256 0.44 13.86 -30.29
C ILE D 256 -0.71 14.76 -30.72
N THR D 257 -1.93 14.24 -30.65
CA THR D 257 -3.14 15.04 -30.83
C THR D 257 -3.77 15.26 -29.46
N HIS D 258 -4.00 16.52 -29.12
CA HIS D 258 -4.51 16.93 -27.82
C HIS D 258 -5.93 17.46 -28.02
N HIS D 259 -6.91 16.74 -27.50
CA HIS D 259 -8.30 17.10 -27.68
C HIS D 259 -8.77 17.94 -26.49
N ALA D 260 -10.08 17.98 -26.24
CA ALA D 260 -10.62 18.83 -25.19
C ALA D 260 -9.98 18.50 -23.85
N ARG D 261 -9.66 19.56 -23.10
CA ARG D 261 -9.15 19.40 -21.74
C ARG D 261 -9.50 20.66 -20.96
N THR D 262 -9.87 20.47 -19.70
CA THR D 262 -10.24 21.59 -18.84
C THR D 262 -9.86 21.25 -17.40
N ILE D 263 -9.53 22.29 -16.65
CA ILE D 263 -9.30 22.18 -15.21
C ILE D 263 -10.54 22.73 -14.52
N ASP D 264 -11.26 21.87 -13.81
CA ASP D 264 -12.49 22.30 -13.16
C ASP D 264 -12.19 23.44 -12.20
N PRO D 265 -12.84 24.61 -12.32
CA PRO D 265 -12.52 25.73 -11.42
C PRO D 265 -12.99 25.54 -9.99
N GLU D 266 -13.83 24.53 -9.72
CA GLU D 266 -14.36 24.31 -8.38
C GLU D 266 -13.69 23.14 -7.67
N THR D 267 -13.43 22.05 -8.38
CA THR D 267 -12.84 20.85 -7.78
C THR D 267 -11.35 20.67 -8.11
N GLY D 268 -10.84 21.40 -9.11
CA GLY D 268 -9.47 21.24 -9.55
C GLY D 268 -9.21 20.01 -10.40
N GLU D 269 -10.23 19.23 -10.71
CA GLU D 269 -10.04 18.00 -11.48
C GLU D 269 -9.54 18.33 -12.88
N LEU D 270 -8.97 17.32 -13.54
CA LEU D 270 -8.63 17.37 -14.95
C LEU D 270 -9.74 16.67 -15.73
N LEU D 271 -10.47 17.42 -16.53
CA LEU D 271 -11.51 16.86 -17.40
C LEU D 271 -10.90 16.71 -18.79
N GLY D 272 -10.34 15.54 -19.06
CA GLY D 272 -9.70 15.27 -20.33
C GLY D 272 -8.60 14.23 -20.17
N ALA D 273 -7.92 13.98 -21.28
CA ALA D 273 -6.83 13.00 -21.26
C ALA D 273 -5.64 13.53 -20.47
N LEU D 274 -5.13 14.70 -20.84
CA LEU D 274 -3.96 15.27 -20.18
C LEU D 274 -4.06 16.79 -20.21
N SER D 275 -3.23 17.43 -19.40
CA SER D 275 -3.26 18.87 -19.25
C SER D 275 -2.26 19.54 -20.20
N ASP D 276 -2.39 20.86 -20.32
CA ASP D 276 -1.43 21.63 -21.09
C ASP D 276 -0.02 21.46 -20.54
N LEU D 277 0.10 21.42 -19.21
CA LEU D 277 1.40 21.21 -18.57
C LEU D 277 1.97 19.84 -18.94
N GLN D 278 1.14 18.80 -18.91
CA GLN D 278 1.63 17.45 -19.20
C GLN D 278 1.97 17.30 -20.68
N ALA D 279 1.14 17.86 -21.57
CA ALA D 279 1.45 17.80 -23.00
C ALA D 279 2.74 18.53 -23.31
N GLU D 280 2.99 19.65 -22.63
CA GLU D 280 4.24 20.37 -22.83
C GLU D 280 5.43 19.50 -22.49
N HIS D 281 5.40 18.86 -21.32
CA HIS D 281 6.54 18.04 -20.89
C HIS D 281 6.69 16.79 -21.73
N ALA D 282 5.58 16.18 -22.13
CA ALA D 282 5.66 15.06 -23.05
C ALA D 282 6.43 15.45 -24.31
N GLN D 283 6.04 16.56 -24.92
CA GLN D 283 6.80 17.10 -26.06
C GLN D 283 8.26 17.30 -25.69
N ASP D 284 8.53 17.98 -24.59
CA ASP D 284 9.90 18.30 -24.24
C ASP D 284 10.74 17.04 -24.11
N ILE D 285 10.18 15.97 -23.55
CA ILE D 285 10.96 14.74 -23.32
C ILE D 285 11.24 14.04 -24.65
N ILE D 286 10.23 13.93 -25.51
CA ILE D 286 10.44 13.33 -26.83
C ILE D 286 11.49 14.13 -27.59
N ARG D 287 11.36 15.45 -27.59
CA ARG D 287 12.30 16.31 -28.31
C ARG D 287 13.72 16.13 -27.79
N SER D 288 13.87 15.98 -26.47
CA SER D 288 15.19 15.77 -25.89
C SER D 288 15.75 14.38 -26.21
N ALA D 289 14.88 13.44 -26.59
CA ALA D 289 15.32 12.11 -27.00
C ALA D 289 15.85 12.09 -28.43
N GLY D 290 15.96 13.25 -29.08
CA GLY D 290 16.47 13.33 -30.43
C GLY D 290 15.56 12.70 -31.48
N VAL D 291 14.25 12.73 -31.24
CA VAL D 291 13.27 12.11 -32.12
C VAL D 291 12.30 13.18 -32.60
N ARG D 292 11.86 13.06 -33.84
CA ARG D 292 10.86 13.98 -34.36
C ARG D 292 9.58 13.88 -33.54
N VAL D 293 8.99 15.03 -33.24
CA VAL D 293 7.71 15.09 -32.54
C VAL D 293 6.89 16.21 -33.14
N ASP D 294 5.61 15.95 -33.37
CA ASP D 294 4.65 16.96 -33.79
C ASP D 294 3.49 16.95 -32.80
N TYR D 295 2.94 18.12 -32.52
CA TYR D 295 1.86 18.29 -31.55
C TYR D 295 0.73 19.06 -32.19
N GLN D 296 -0.49 18.57 -32.01
CA GLN D 296 -1.68 19.18 -32.60
C GLN D 296 -2.73 19.35 -31.51
N SER D 297 -3.13 20.59 -31.25
CA SER D 297 -4.17 20.89 -30.27
C SER D 297 -5.50 21.13 -30.98
N HIS D 298 -6.50 20.34 -30.64
CA HIS D 298 -7.85 20.44 -31.20
C HIS D 298 -8.82 20.59 -30.03
N PRO D 299 -8.95 21.80 -29.49
CA PRO D 299 -9.61 21.95 -28.17
C PRO D 299 -11.08 21.58 -28.16
N ASP D 300 -11.75 21.57 -29.30
CA ASP D 300 -13.16 21.21 -29.36
C ASP D 300 -13.39 19.78 -29.83
N ALA D 301 -12.34 19.01 -30.06
CA ALA D 301 -12.49 17.62 -30.48
C ALA D 301 -12.87 16.74 -29.30
N LEU D 302 -13.73 15.77 -29.55
CA LEU D 302 -14.07 14.81 -28.51
C LEU D 302 -12.91 13.87 -28.25
N HIS D 303 -12.94 13.21 -27.09
CA HIS D 303 -11.85 12.31 -26.70
C HIS D 303 -11.60 11.26 -27.77
N MET D 304 -12.65 10.57 -28.22
CA MET D 304 -12.53 9.56 -29.27
C MET D 304 -12.89 10.24 -30.59
N MET D 305 -11.93 11.00 -31.14
CA MET D 305 -12.15 11.64 -32.42
C MET D 305 -12.23 10.61 -33.55
N HIS D 306 -11.49 9.51 -33.44
CA HIS D 306 -11.55 8.47 -34.47
C HIS D 306 -12.95 7.91 -34.62
N LEU D 307 -13.79 8.05 -33.60
CA LEU D 307 -15.15 7.49 -33.61
C LEU D 307 -16.22 8.52 -33.93
N PHE D 308 -16.14 9.74 -33.36
CA PHE D 308 -17.18 10.74 -33.53
C PHE D 308 -16.89 11.71 -34.66
N ASP D 309 -15.65 11.80 -35.13
CA ASP D 309 -15.29 12.62 -36.28
C ASP D 309 -14.31 11.85 -37.16
N PRO D 310 -14.74 10.69 -37.68
CA PRO D 310 -13.78 9.84 -38.42
C PRO D 310 -13.09 10.57 -39.54
N ALA D 311 -13.79 11.49 -40.22
CA ALA D 311 -13.17 12.22 -41.32
C ALA D 311 -11.98 13.04 -40.83
N ARG D 312 -12.16 13.75 -39.72
CA ARG D 312 -11.07 14.57 -39.18
C ARG D 312 -9.90 13.70 -38.74
N TYR D 313 -10.18 12.55 -38.11
CA TYR D 313 -9.10 11.67 -37.68
C TYR D 313 -8.36 11.09 -38.89
N ALA D 314 -9.11 10.60 -39.88
CA ALA D 314 -8.47 10.00 -41.04
C ALA D 314 -7.58 10.99 -41.77
N GLU D 315 -7.99 12.26 -41.82
CA GLU D 315 -7.16 13.26 -42.49
C GLU D 315 -5.90 13.55 -41.69
N ILE D 316 -6.03 13.77 -40.38
CA ILE D 316 -4.86 13.97 -39.54
C ILE D 316 -3.87 12.83 -39.74
N LEU D 317 -4.34 11.60 -39.59
CA LEU D 317 -3.46 10.43 -39.69
C LEU D 317 -2.84 10.33 -41.09
N THR D 318 -3.65 10.49 -42.13
CA THR D 318 -3.16 10.31 -43.50
C THR D 318 -2.15 11.39 -43.87
N SER D 319 -2.50 12.66 -43.62
CA SER D 319 -1.57 13.75 -43.93
C SER D 319 -0.25 13.57 -43.17
N TRP D 320 -0.33 13.25 -41.88
CA TRP D 320 0.89 13.04 -41.10
C TRP D 320 1.70 11.87 -41.67
N SER D 321 1.03 10.77 -42.00
CA SER D 321 1.74 9.62 -42.56
C SER D 321 2.48 9.99 -43.84
N ALA D 322 1.92 10.91 -44.64
CA ALA D 322 2.57 11.32 -45.88
C ALA D 322 3.90 12.01 -45.61
N THR D 323 4.02 12.70 -44.49
CA THR D 323 5.26 13.37 -44.12
C THR D 323 6.32 12.43 -43.58
N LEU D 324 6.00 11.14 -43.41
CA LEU D 324 6.96 10.22 -42.85
C LEU D 324 7.92 9.73 -43.93
N PRO D 325 9.14 9.35 -43.56
CA PRO D 325 10.05 8.75 -44.53
C PRO D 325 9.61 7.34 -44.92
N ALA D 326 9.97 6.95 -46.14
CA ALA D 326 9.62 5.62 -46.65
C ALA D 326 10.85 4.73 -46.71
C1 ZGR E . -2.78 22.85 7.59
C2 ZGR E . -2.86 21.49 7.82
C3 ZGR E . -3.21 20.60 6.82
O2 ZGR E . -2.59 21.01 9.12
C4 ZGR E . -3.47 21.08 5.54
O4 ZGR E . -3.81 20.20 4.48
C5 ZGR E . -3.39 22.44 5.30
C6 ZGR E . -3.05 23.32 6.30
O6P ZGR E . -0.90 30.18 4.42
C6P ZGR E . -1.45 29.17 4.72
C7P ZGR E . -1.07 28.48 6.04
C8P ZGR E . 0.22 27.68 5.89
C9P ZGR E . 0.22 26.49 6.87
C10 ZGR E . 1.07 26.71 8.13
O10 ZGR E . 0.62 27.84 8.85
C11 ZGR E . 2.55 26.84 7.76
C5P ZGR E . -2.54 28.61 3.80
C4P ZGR E . -2.75 27.10 3.96
C3P ZGR E . -3.93 26.83 4.89
C2P ZGR E . -3.99 25.36 5.28
C1P ZGR E . -2.99 24.80 5.93
C12 ZGR E . -2.43 23.69 8.66
O13 ZGR E . -2.68 23.35 9.85
O12 ZGR E . -1.84 24.78 8.45
H1 ZGR E . -3.26 19.69 7.00
H2 ZGR E . -3.16 20.42 9.32
H3 ZGR E . -4.58 20.40 4.19
H4 ZGR E . -3.55 22.76 4.44
H5 ZGR E . -0.94 29.16 6.72
H6 ZGR E . -1.78 27.89 6.30
H7 ZGR E . 0.98 28.24 6.08
H8 ZGR E . 0.30 27.34 4.98
H9 ZGR E . -0.70 26.32 7.14
H10 ZGR E . 0.56 25.71 6.41
H11 ZGR E . 0.96 25.94 8.72
H12 ZGR E . -0.16 27.70 9.15
H13 ZGR E . 3.00 26.00 7.91
H14 ZGR E . 2.62 27.09 6.82
H15 ZGR E . 2.95 27.53 8.30
H16 ZGR E . -2.29 28.78 2.88
H17 ZGR E . -3.37 29.06 4.00
H18 ZGR E . -1.95 26.69 4.33
H19 ZGR E . -2.93 26.71 3.08
H20 ZGR E . -4.75 27.08 4.44
H21 ZGR E . -3.83 27.38 5.69
H22 ZGR E . -4.74 24.85 5.05
H23 ZGR E . -2.24 25.31 6.15
C1 ZGR F . -4.92 -12.65 18.96
C2 ZGR F . -4.56 -11.35 18.67
C3 ZGR F . -3.55 -11.07 17.78
O2 ZGR F . -5.24 -10.30 19.30
C4 ZGR F . -2.86 -12.10 17.15
O4 ZGR F . -1.85 -11.78 16.24
C5 ZGR F . -3.22 -13.41 17.43
C6 ZGR F . -4.23 -13.68 18.35
O6P ZGR F . -4.49 -18.95 17.65
C6P ZGR F . -3.70 -19.20 18.50
C7P ZGR F . -4.08 -20.13 19.64
C8P ZGR F . -5.60 -20.27 19.74
C9P ZGR F . -6.24 -18.96 20.23
C10 ZGR F . -7.58 -18.71 19.55
O10 ZGR F . -8.44 -19.81 19.76
C11 ZGR F . -7.39 -18.48 18.05
C5P ZGR F . -2.31 -18.57 18.43
C4P ZGR F . -2.14 -17.57 19.59
C3P ZGR F . -2.41 -16.15 19.10
C2P ZGR F . -3.93 -16.14 18.96
C1P ZGR F . -4.67 -15.11 18.64
C12 ZGR F . -5.95 -12.85 19.89
O13 ZGR F . -6.58 -11.86 20.31
O12 ZGR F . -6.24 -13.98 20.39
H1 ZGR F . -3.32 -10.19 17.60
H2 ZGR F . -4.71 -9.64 19.35
H3 ZGR F . -2.02 -11.03 15.86
H4 ZGR F . -2.78 -14.11 17.00
H5 ZGR F . -3.70 -21.01 19.49
H6 ZGR F . -3.74 -19.77 20.48
H7 ZGR F . -5.82 -20.98 20.37
H8 ZGR F . -5.96 -20.49 18.86
H9 ZGR F . -6.37 -19.01 21.19
H10 ZGR F . -5.63 -18.23 20.02
H11 ZGR F . -7.98 -17.92 19.94
H12 ZGR F . -8.48 -19.97 20.59
H13 ZGR F . -7.29 -19.33 17.60
H14 ZGR F . -8.17 -18.02 17.68
H15 ZGR F . -6.61 -17.94 17.90
H16 ZGR F . -2.20 -18.10 17.59
H17 ZGR F . -1.63 -19.27 18.50
H18 ZGR F . -1.21 -17.62 19.91
H19 ZGR F . -2.74 -17.80 20.30
H20 ZGR F . -2.13 -15.49 19.75
H21 ZGR F . -1.98 -15.98 18.25
H22 ZGR F . -4.37 -16.94 19.10
H23 ZGR F . -5.59 -15.27 18.60
C1 ZGR G . 16.92 -16.48 -6.15
C2 ZGR G . 15.96 -15.59 -6.63
C3 ZGR G . 14.81 -15.34 -5.90
O2 ZGR G . 16.16 -14.95 -7.85
C4 ZGR G . 14.61 -15.97 -4.68
O4 ZGR G . 13.46 -15.72 -3.92
C5 ZGR G . 15.56 -16.84 -4.21
C6 ZGR G . 16.70 -17.10 -4.94
O6P ZGR G . 20.42 -18.62 -0.98
C6P ZGR G . 20.59 -19.70 -1.44
C7P ZGR G . 21.91 -20.08 -2.10
C8P ZGR G . 22.58 -18.83 -2.68
C9P ZGR G . 22.19 -18.68 -4.16
C10 ZGR G . 23.35 -19.11 -5.07
O10 ZGR G . 23.90 -20.34 -4.65
C11 ZGR G . 24.46 -18.05 -5.06
C5P ZGR G . 19.45 -20.72 -1.37
C4P ZGR G . 18.20 -20.06 -1.92
C3P ZGR G . 18.17 -20.31 -3.42
C2P ZGR G . 17.24 -19.29 -4.04
C1P ZGR G . 17.69 -18.08 -4.35
C12 ZGR G . 18.07 -16.71 -6.92
O13 ZGR G . 17.98 -16.81 -8.17
O12 ZGR G . 19.19 -16.84 -6.36
H1 ZGR G . 14.18 -14.75 -6.23
H2 ZGR G . 15.97 -14.13 -7.76
H3 ZGR G . 13.27 -16.42 -3.46
H4 ZGR G . 15.43 -17.26 -3.39
H5 ZGR G . 22.49 -20.47 -1.44
H6 ZGR G . 21.75 -20.71 -2.81
H7 ZGR G . 23.54 -18.91 -2.61
H8 ZGR G . 22.28 -18.05 -2.19
H9 ZGR G . 21.43 -19.24 -4.34
H10 ZGR G . 21.97 -17.76 -4.33
H11 ZGR G . 23.00 -19.20 -5.97
H12 ZGR G . 23.29 -20.81 -4.29
H13 ZGR G . 24.50 -17.62 -5.93
H14 ZGR G . 24.26 -17.38 -4.38
H15 ZGR G . 25.31 -18.47 -4.86
H16 ZGR G . 19.31 -20.98 -0.45
H17 ZGR G . 19.68 -21.50 -1.90
H18 ZGR G . 18.22 -19.11 -1.75
H19 ZGR G . 17.42 -20.44 -1.51
H20 ZGR G . 17.85 -21.20 -3.59
H21 ZGR G . 19.06 -20.21 -3.79
H22 ZGR G . 16.36 -19.50 -4.21
H23 ZGR G . 18.58 -17.84 -4.19
C1 ZGR H . -8.24 6.13 -20.44
C2 ZGR H . -7.32 5.51 -19.60
C3 ZGR H . -6.81 6.18 -18.51
O2 ZGR H . -6.93 4.19 -19.86
C4 ZGR H . -7.21 7.48 -18.26
O4 ZGR H . -6.69 8.16 -17.16
C5 ZGR H . -8.13 8.10 -19.10
C6 ZGR H . -8.66 7.43 -20.20
O6P ZGR H . -13.00 9.45 -20.65
C6P ZGR H . -12.78 10.49 -20.10
C7P ZGR H . -13.26 10.71 -18.67
C8P ZGR H . -12.48 9.82 -17.71
C9P ZGR H . -13.43 8.83 -17.02
C10 ZGR H . -13.62 7.61 -17.92
O10 ZGR H . -14.90 7.07 -17.70
C11 ZGR H . -12.56 6.55 -17.63
C5P ZGR H . -12.03 11.58 -20.85
C4P ZGR H . -10.58 11.73 -20.38
C3P ZGR H . -9.87 10.40 -20.08
C2P ZGR H . -10.19 9.32 -21.11
C1P ZGR H . -9.68 8.10 -21.15
C12 ZGR H . -8.69 5.35 -21.50
O13 ZGR H . -7.93 4.48 -21.94
O12 ZGR H . -9.82 5.51 -22.03
H1 ZGR H . -6.19 5.77 -17.95
H2 ZGR H . -6.78 3.80 -19.12
H3 ZGR H . -5.90 8.43 -17.36
H4 ZGR H . -8.40 8.98 -18.92
H5 ZGR H . -13.12 11.64 -18.43
H6 ZGR H . -14.21 10.50 -18.62
H7 ZGR H . -12.04 10.36 -17.04
H8 ZGR H . -11.81 9.32 -18.21
H9 ZGR H . -14.29 9.26 -16.86
H10 ZGR H . -13.04 8.55 -16.17
H11 ZGR H . -13.54 7.88 -18.84
H12 ZGR H . -15.48 7.62 -17.97
H13 ZGR H . -11.80 6.68 -18.23
H14 ZGR H . -12.26 6.63 -16.71
H15 ZGR H . -12.94 5.67 -17.76
H16 ZGR H . -12.49 12.43 -20.70
H17 ZGR H . -12.02 11.38 -21.80
H18 ZGR H . -10.58 12.26 -19.56
H19 ZGR H . -10.08 12.18 -21.06
H20 ZGR H . -10.15 10.09 -19.20
H21 ZGR H . -8.91 10.55 -20.08
H22 ZGR H . -10.81 9.54 -21.77
H23 ZGR H . -9.98 7.55 -21.85
#